data_2QRO
#
_entry.id   2QRO
#
_cell.length_a   93.688
_cell.length_b   93.688
_cell.length_c   332.408
_cell.angle_alpha   90.00
_cell.angle_beta   90.00
_cell.angle_gamma   90.00
#
_symmetry.space_group_name_H-M   'P 43 21 2'
#
loop_
_entity.id
_entity.type
_entity.pdbx_description
1 polymer 'Deoxycytidine kinase'
2 non-polymer 'MAGNESIUM ION'
3 non-polymer "URIDINE-5'-DIPHOSPHATE"
4 non-polymer "2'-DEOXYADENOSINE-5'-MONOPHOSPHATE"
#
_entity_poly.entity_id   1
_entity_poly.type   'polypeptide(L)'
_entity_poly.pdbx_seq_one_letter_code
;MGSSHHHHHHSSGLVPRGSHMATPPKRSCPSFSASSEGTRIKKISIEGNIAAGKSTFVNILKQLCEDWEVVPEPVARWCN
VQSTQDEFEELTMSQKNGGNVLQMMYEKPERWSFTFQTYACLSRIRAQLASLNGKLKDAEKPVLFFERSVYSDRYIFASN
LYESECMNETEWTIYQDWHDWMNNQFGQSLELDGIIYLQATPETCLHRIYLRGRNEEQGIPLEYLEKLHYKHESWLLHRT
LKTNFDYLQEVPILTLDVNEDFKDKYESLVEKVKEFLSTL
;
_entity_poly.pdbx_strand_id   A,B,C,D
#
loop_
_chem_comp.id
_chem_comp.type
_chem_comp.name
_chem_comp.formula
D5M non-polymer 2'-DEOXYADENOSINE-5'-MONOPHOSPHATE 'C10 H14 N5 O6 P'
MG non-polymer 'MAGNESIUM ION' 'Mg 2'
UDP RNA linking URIDINE-5'-DIPHOSPHATE 'C9 H14 N2 O12 P2'
#
# COMPACT_ATOMS: atom_id res chain seq x y z
N ARG A 40 -23.24 -13.73 -25.94
CA ARG A 40 -23.40 -13.83 -27.42
C ARG A 40 -23.99 -15.19 -27.86
N ILE A 41 -23.12 -16.19 -28.00
CA ILE A 41 -23.47 -17.55 -28.42
C ILE A 41 -24.09 -18.34 -27.27
N LYS A 42 -25.13 -19.12 -27.56
CA LYS A 42 -25.77 -19.92 -26.52
C LYS A 42 -24.97 -21.21 -26.38
N LYS A 43 -24.52 -21.49 -25.14
CA LYS A 43 -23.72 -22.66 -24.82
C LYS A 43 -24.49 -23.75 -24.07
N ILE A 44 -24.79 -24.83 -24.79
CA ILE A 44 -25.51 -25.96 -24.21
C ILE A 44 -24.49 -27.06 -23.90
N SER A 45 -24.61 -27.68 -22.72
CA SER A 45 -23.69 -28.75 -22.34
C SER A 45 -24.37 -30.10 -22.48
N ILE A 46 -23.67 -31.07 -23.08
CA ILE A 46 -24.25 -32.39 -23.22
C ILE A 46 -23.62 -33.36 -22.22
N GLU A 47 -24.30 -33.51 -21.08
CA GLU A 47 -23.86 -34.37 -20.01
C GLU A 47 -24.32 -35.81 -20.18
N GLY A 48 -23.52 -36.73 -19.64
CA GLY A 48 -23.87 -38.13 -19.74
C GLY A 48 -22.77 -38.94 -19.11
N ASN A 49 -22.96 -40.25 -19.09
CA ASN A 49 -21.99 -41.16 -18.51
C ASN A 49 -20.94 -41.48 -19.57
N ILE A 50 -20.16 -42.52 -19.32
CA ILE A 50 -19.11 -42.94 -20.24
C ILE A 50 -19.77 -43.78 -21.31
N ALA A 51 -19.41 -43.52 -22.56
CA ALA A 51 -19.96 -44.25 -23.69
C ALA A 51 -21.48 -44.22 -23.71
N ALA A 52 -22.06 -43.19 -23.09
CA ALA A 52 -23.51 -43.06 -23.05
C ALA A 52 -23.97 -42.73 -24.46
N GLY A 53 -23.29 -41.80 -25.11
CA GLY A 53 -23.66 -41.44 -26.47
C GLY A 53 -23.72 -39.97 -26.82
N LYS A 54 -23.00 -39.13 -26.08
CA LYS A 54 -22.98 -37.70 -26.38
C LYS A 54 -22.50 -37.49 -27.82
N SER A 55 -21.23 -37.78 -28.06
CA SER A 55 -20.64 -37.64 -29.39
C SER A 55 -21.65 -38.12 -30.42
N THR A 56 -21.94 -39.41 -30.42
CA THR A 56 -22.88 -40.00 -31.37
C THR A 56 -24.10 -39.09 -31.56
N PHE A 57 -24.67 -38.64 -30.45
CA PHE A 57 -25.84 -37.77 -30.44
C PHE A 57 -25.57 -36.39 -31.03
N VAL A 58 -24.59 -35.69 -30.49
CA VAL A 58 -24.28 -34.35 -30.96
C VAL A 58 -23.89 -34.31 -32.43
N ASN A 59 -23.33 -35.40 -32.96
CA ASN A 59 -22.94 -35.46 -34.37
C ASN A 59 -24.17 -35.39 -35.26
N ILE A 60 -25.28 -35.92 -34.75
CA ILE A 60 -26.54 -35.88 -35.48
C ILE A 60 -27.03 -34.45 -35.44
N LEU A 61 -26.88 -33.81 -34.28
CA LEU A 61 -27.28 -32.42 -34.13
C LEU A 61 -26.40 -31.51 -34.98
N LYS A 62 -25.08 -31.70 -34.90
CA LYS A 62 -24.11 -30.89 -35.63
C LYS A 62 -24.48 -30.64 -37.08
N GLN A 63 -24.98 -31.68 -37.75
CA GLN A 63 -25.37 -31.56 -39.15
C GLN A 63 -26.87 -31.41 -39.37
N LEU A 64 -27.46 -30.43 -38.69
CA LEU A 64 -28.89 -30.16 -38.80
C LEU A 64 -29.01 -28.65 -38.81
N CYS A 65 -27.87 -27.99 -38.99
CA CYS A 65 -27.79 -26.53 -39.02
C CYS A 65 -26.34 -26.08 -38.97
N GLU A 66 -25.99 -25.12 -39.82
CA GLU A 66 -24.62 -24.60 -39.85
C GLU A 66 -24.38 -23.48 -38.86
N ASP A 67 -25.21 -23.41 -37.83
CA ASP A 67 -25.09 -22.41 -36.78
C ASP A 67 -24.92 -23.14 -35.46
N TRP A 68 -24.68 -24.44 -35.58
CA TRP A 68 -24.48 -25.33 -34.45
C TRP A 68 -23.11 -25.99 -34.58
N GLU A 69 -22.18 -25.61 -33.72
CA GLU A 69 -20.83 -26.17 -33.73
C GLU A 69 -20.62 -26.92 -32.41
N VAL A 70 -19.84 -28.00 -32.45
CA VAL A 70 -19.57 -28.83 -31.28
C VAL A 70 -18.14 -28.68 -30.75
N VAL A 71 -17.96 -28.89 -29.45
CA VAL A 71 -16.64 -28.81 -28.84
C VAL A 71 -16.38 -30.13 -28.12
N PRO A 72 -15.97 -31.16 -28.87
CA PRO A 72 -15.68 -32.49 -28.35
C PRO A 72 -14.74 -32.53 -27.16
N GLU A 73 -14.87 -33.56 -26.34
CA GLU A 73 -13.99 -33.72 -25.19
C GLU A 73 -12.61 -34.00 -25.76
N PRO A 74 -11.58 -33.29 -25.31
CA PRO A 74 -10.23 -33.50 -25.82
C PRO A 74 -9.60 -34.85 -25.47
N VAL A 75 -10.42 -35.90 -25.45
CA VAL A 75 -9.93 -37.23 -25.13
C VAL A 75 -8.74 -37.59 -25.99
N ALA A 76 -8.81 -37.19 -27.25
CA ALA A 76 -7.73 -37.45 -28.19
C ALA A 76 -6.37 -37.12 -27.59
N ARG A 77 -6.23 -35.92 -27.04
CA ARG A 77 -4.97 -35.48 -26.46
C ARG A 77 -4.67 -36.10 -25.11
N TRP A 78 -5.68 -36.63 -24.43
CA TRP A 78 -5.48 -37.27 -23.13
C TRP A 78 -4.81 -38.61 -23.37
N CYS A 79 -4.91 -39.09 -24.61
CA CYS A 79 -4.32 -40.37 -24.97
C CYS A 79 -3.00 -40.20 -25.69
N ASN A 80 -2.48 -38.98 -25.69
CA ASN A 80 -1.20 -38.74 -26.34
C ASN A 80 -0.75 -37.35 -25.99
N VAL A 81 -0.37 -37.20 -24.72
CA VAL A 81 0.10 -35.94 -24.19
C VAL A 81 1.25 -35.36 -25.01
N GLN A 82 1.03 -34.15 -25.51
CA GLN A 82 2.01 -33.44 -26.33
C GLN A 82 1.75 -31.95 -26.09
N SER A 83 2.55 -31.09 -26.71
CA SER A 83 2.41 -29.63 -26.56
C SER A 83 1.29 -29.02 -27.44
N ASN A 97 5.46 -40.93 -30.19
CA ASN A 97 4.26 -41.07 -29.38
C ASN A 97 4.49 -40.74 -27.91
N GLY A 98 3.80 -39.73 -27.44
CA GLY A 98 3.93 -39.32 -26.04
C GLY A 98 3.19 -40.30 -25.15
N GLY A 99 3.11 -39.99 -23.85
CA GLY A 99 2.42 -40.85 -22.91
C GLY A 99 0.90 -40.78 -23.01
N ASN A 100 0.24 -41.85 -22.55
CA ASN A 100 -1.22 -41.93 -22.56
C ASN A 100 -1.74 -41.85 -21.13
N VAL A 101 -1.80 -40.63 -20.61
CA VAL A 101 -2.24 -40.36 -19.24
C VAL A 101 -3.64 -40.88 -18.90
N LEU A 102 -4.48 -41.10 -19.89
CA LEU A 102 -5.81 -41.64 -19.59
C LEU A 102 -5.57 -43.03 -19.03
N GLN A 103 -4.75 -43.79 -19.73
CA GLN A 103 -4.44 -45.15 -19.32
C GLN A 103 -3.75 -45.21 -17.98
N MET A 104 -2.85 -44.26 -17.73
CA MET A 104 -2.12 -44.23 -16.47
C MET A 104 -3.09 -44.16 -15.29
N MET A 105 -4.15 -43.36 -15.45
CA MET A 105 -5.14 -43.22 -14.39
C MET A 105 -5.83 -44.53 -14.14
N TYR A 106 -6.18 -45.22 -15.22
CA TYR A 106 -6.86 -46.49 -15.11
C TYR A 106 -6.00 -47.59 -14.50
N GLU A 107 -4.73 -47.61 -14.86
CA GLU A 107 -3.83 -48.63 -14.34
C GLU A 107 -3.49 -48.42 -12.87
N LYS A 108 -3.21 -47.17 -12.49
CA LYS A 108 -2.87 -46.88 -11.11
C LYS A 108 -3.54 -45.59 -10.69
N PRO A 109 -4.85 -45.67 -10.43
CA PRO A 109 -5.67 -44.52 -10.01
C PRO A 109 -5.14 -43.78 -8.79
N GLU A 110 -4.79 -44.51 -7.74
CA GLU A 110 -4.29 -43.86 -6.53
C GLU A 110 -3.00 -43.07 -6.78
N ARG A 111 -2.52 -43.08 -8.02
CA ARG A 111 -1.28 -42.37 -8.36
C ARG A 111 -1.42 -41.31 -9.46
N TRP A 112 -2.28 -41.55 -10.44
CA TRP A 112 -2.44 -40.60 -11.53
C TRP A 112 -3.76 -39.84 -11.62
N SER A 113 -4.71 -40.15 -10.73
CA SER A 113 -5.99 -39.47 -10.72
C SER A 113 -5.82 -37.97 -10.68
N PHE A 114 -5.03 -37.49 -9.73
CA PHE A 114 -4.80 -36.07 -9.64
C PHE A 114 -4.28 -35.52 -10.96
N THR A 115 -3.09 -35.95 -11.35
CA THR A 115 -2.51 -35.48 -12.61
C THR A 115 -3.53 -35.48 -13.73
N PHE A 116 -4.11 -36.65 -14.01
CA PHE A 116 -5.09 -36.75 -15.08
C PHE A 116 -6.21 -35.74 -14.92
N GLN A 117 -6.94 -35.86 -13.82
CA GLN A 117 -8.05 -34.98 -13.53
C GLN A 117 -7.76 -33.49 -13.71
N THR A 118 -6.54 -33.09 -13.39
CA THR A 118 -6.14 -31.70 -13.50
C THR A 118 -5.99 -31.38 -14.98
N TYR A 119 -5.18 -32.19 -15.64
CA TYR A 119 -4.93 -32.02 -17.08
C TYR A 119 -6.22 -32.05 -17.89
N ALA A 120 -7.08 -33.02 -17.58
CA ALA A 120 -8.34 -33.20 -18.29
C ALA A 120 -9.22 -31.96 -18.24
N CYS A 121 -9.31 -31.33 -17.07
CA CYS A 121 -10.16 -30.15 -16.95
C CYS A 121 -9.55 -28.95 -17.64
N LEU A 122 -8.23 -28.80 -17.54
CA LEU A 122 -7.56 -27.67 -18.18
C LEU A 122 -7.80 -27.75 -19.68
N SER A 123 -7.40 -28.89 -20.25
CA SER A 123 -7.54 -29.16 -21.67
C SER A 123 -8.93 -28.85 -22.18
N ARG A 124 -9.92 -28.98 -21.28
CA ARG A 124 -11.29 -28.69 -21.64
C ARG A 124 -11.50 -27.18 -21.65
N ILE A 125 -11.12 -26.52 -20.56
CA ILE A 125 -11.28 -25.08 -20.49
C ILE A 125 -10.69 -24.43 -21.74
N ARG A 126 -9.50 -24.87 -22.13
CA ARG A 126 -8.86 -24.33 -23.32
C ARG A 126 -9.72 -24.60 -24.54
N ALA A 127 -9.93 -25.88 -24.80
CA ALA A 127 -10.72 -26.30 -25.94
C ALA A 127 -12.02 -25.51 -26.09
N GLN A 128 -12.68 -25.21 -24.98
CA GLN A 128 -13.95 -24.49 -25.02
C GLN A 128 -13.72 -23.00 -25.25
N LEU A 129 -12.83 -22.38 -24.49
CA LEU A 129 -12.55 -20.96 -24.68
C LEU A 129 -12.15 -20.74 -26.12
N ALA A 130 -11.40 -21.70 -26.65
CA ALA A 130 -10.94 -21.65 -28.03
C ALA A 130 -12.11 -21.55 -28.99
N SER A 131 -13.03 -22.52 -28.89
CA SER A 131 -14.18 -22.54 -29.76
C SER A 131 -15.02 -21.27 -29.69
N LEU A 132 -14.93 -20.54 -28.58
CA LEU A 132 -15.70 -19.32 -28.45
C LEU A 132 -15.26 -18.23 -29.42
N ASN A 133 -14.13 -18.44 -30.09
CA ASN A 133 -13.63 -17.47 -31.07
C ASN A 133 -13.72 -17.96 -32.50
N GLY A 134 -14.43 -19.07 -32.70
CA GLY A 134 -14.60 -19.63 -34.02
C GLY A 134 -15.47 -18.77 -34.90
N LYS A 135 -15.49 -19.06 -36.20
CA LYS A 135 -16.29 -18.29 -37.15
C LYS A 135 -17.77 -18.37 -36.81
N LEU A 136 -18.09 -19.17 -35.79
CA LEU A 136 -19.47 -19.32 -35.34
C LEU A 136 -19.92 -18.02 -34.71
N LYS A 137 -18.96 -17.29 -34.12
CA LYS A 137 -19.24 -16.02 -33.46
C LYS A 137 -19.95 -15.01 -34.36
N ASP A 138 -19.99 -15.29 -35.67
CA ASP A 138 -20.62 -14.39 -36.62
C ASP A 138 -22.07 -14.67 -37.01
N ALA A 139 -22.39 -15.93 -37.27
CA ALA A 139 -23.76 -16.32 -37.68
C ALA A 139 -24.86 -15.65 -36.84
N GLU A 140 -26.11 -15.80 -37.29
CA GLU A 140 -27.26 -15.20 -36.61
C GLU A 140 -27.61 -15.79 -35.26
N LYS A 141 -28.21 -16.99 -35.25
CA LYS A 141 -28.59 -17.67 -34.02
C LYS A 141 -27.62 -18.85 -33.83
N PRO A 142 -26.49 -18.60 -33.15
CA PRO A 142 -25.44 -19.59 -32.89
C PRO A 142 -25.67 -20.43 -31.65
N VAL A 143 -25.22 -21.68 -31.71
CA VAL A 143 -25.33 -22.59 -30.59
C VAL A 143 -24.06 -23.44 -30.54
N LEU A 144 -23.44 -23.49 -29.37
CA LEU A 144 -22.22 -24.25 -29.19
C LEU A 144 -22.44 -25.37 -28.17
N PHE A 145 -22.44 -26.62 -28.64
CA PHE A 145 -22.64 -27.77 -27.77
C PHE A 145 -21.31 -28.29 -27.22
N PHE A 146 -21.24 -28.41 -25.90
CA PHE A 146 -20.04 -28.90 -25.21
C PHE A 146 -20.19 -30.38 -24.85
N GLU A 147 -19.18 -31.19 -25.15
CA GLU A 147 -19.26 -32.59 -24.77
C GLU A 147 -18.72 -32.59 -23.34
N ARG A 148 -19.62 -32.54 -22.36
CA ARG A 148 -19.29 -32.48 -20.92
C ARG A 148 -18.75 -31.09 -20.53
N SER A 149 -19.00 -30.69 -19.29
CA SER A 149 -18.56 -29.39 -18.77
C SER A 149 -17.60 -29.50 -17.59
N VAL A 150 -16.90 -28.40 -17.30
CA VAL A 150 -15.96 -28.34 -16.18
C VAL A 150 -16.64 -28.72 -14.87
N TYR A 151 -17.96 -28.62 -14.87
CA TYR A 151 -18.76 -28.94 -13.69
C TYR A 151 -18.78 -30.44 -13.46
N SER A 152 -19.09 -31.21 -14.49
CA SER A 152 -19.12 -32.65 -14.33
C SER A 152 -17.70 -33.21 -14.13
N ASP A 153 -16.69 -32.48 -14.59
CA ASP A 153 -15.31 -32.94 -14.42
C ASP A 153 -15.02 -33.04 -12.93
N ARG A 154 -15.29 -31.94 -12.24
CA ARG A 154 -15.06 -31.82 -10.80
C ARG A 154 -16.08 -32.50 -9.91
N TYR A 155 -17.36 -32.26 -10.18
CA TYR A 155 -18.41 -32.82 -9.35
C TYR A 155 -18.80 -34.25 -9.61
N ILE A 156 -18.52 -34.77 -10.81
CA ILE A 156 -18.86 -36.17 -11.09
C ILE A 156 -17.64 -37.07 -10.98
N PHE A 157 -16.64 -36.84 -11.81
CA PHE A 157 -15.45 -37.68 -11.82
C PHE A 157 -14.39 -37.44 -10.75
N ALA A 158 -13.81 -36.24 -10.74
CA ALA A 158 -12.80 -35.90 -9.75
C ALA A 158 -13.38 -36.24 -8.41
N SER A 159 -14.55 -35.66 -8.15
CA SER A 159 -15.26 -35.88 -6.91
C SER A 159 -15.30 -37.36 -6.57
N ASN A 160 -15.86 -38.16 -7.46
CA ASN A 160 -15.95 -39.60 -7.23
C ASN A 160 -14.61 -40.31 -7.01
N LEU A 161 -13.56 -39.82 -7.67
CA LEU A 161 -12.25 -40.43 -7.50
C LEU A 161 -11.79 -40.17 -6.08
N TYR A 162 -12.09 -38.97 -5.61
CA TYR A 162 -11.71 -38.59 -4.27
C TYR A 162 -12.41 -39.52 -3.28
N GLU A 163 -13.71 -39.68 -3.45
CA GLU A 163 -14.50 -40.53 -2.57
C GLU A 163 -14.03 -41.98 -2.66
N SER A 164 -13.49 -42.36 -3.81
CA SER A 164 -12.99 -43.71 -4.01
C SER A 164 -11.59 -43.84 -3.44
N GLU A 165 -11.19 -42.85 -2.64
CA GLU A 165 -9.86 -42.81 -2.02
C GLU A 165 -8.72 -42.87 -3.03
N CYS A 166 -8.91 -42.28 -4.19
CA CYS A 166 -7.87 -42.24 -5.21
C CYS A 166 -7.18 -40.89 -5.25
N MET A 167 -7.56 -40.03 -4.31
CA MET A 167 -6.97 -38.72 -4.18
C MET A 167 -6.88 -38.40 -2.70
N ASN A 168 -5.66 -38.31 -2.16
CA ASN A 168 -5.52 -38.01 -0.74
C ASN A 168 -6.07 -36.59 -0.50
N GLU A 169 -6.27 -36.23 0.78
CA GLU A 169 -6.80 -34.93 1.15
C GLU A 169 -6.17 -33.80 0.34
N THR A 170 -4.84 -33.69 0.46
CA THR A 170 -4.05 -32.68 -0.22
C THR A 170 -4.38 -32.55 -1.71
N GLU A 171 -4.42 -33.68 -2.42
CA GLU A 171 -4.73 -33.67 -3.87
C GLU A 171 -6.12 -33.08 -4.10
N TRP A 172 -7.10 -33.54 -3.34
CA TRP A 172 -8.46 -33.05 -3.50
C TRP A 172 -8.57 -31.58 -3.14
N THR A 173 -7.82 -31.14 -2.14
CA THR A 173 -7.87 -29.75 -1.72
C THR A 173 -7.30 -28.88 -2.80
N ILE A 174 -6.12 -29.27 -3.28
CA ILE A 174 -5.45 -28.52 -4.33
C ILE A 174 -6.33 -28.51 -5.57
N TYR A 175 -6.88 -29.67 -5.91
CA TYR A 175 -7.73 -29.78 -7.09
C TYR A 175 -8.87 -28.79 -7.07
N GLN A 176 -9.56 -28.73 -5.95
CA GLN A 176 -10.69 -27.82 -5.82
C GLN A 176 -10.23 -26.37 -5.90
N ASP A 177 -9.25 -26.02 -5.05
CA ASP A 177 -8.71 -24.66 -5.00
C ASP A 177 -8.37 -24.16 -6.40
N TRP A 178 -7.70 -25.00 -7.18
CA TRP A 178 -7.30 -24.69 -8.54
C TRP A 178 -8.56 -24.52 -9.40
N HIS A 179 -9.42 -25.53 -9.37
CA HIS A 179 -10.65 -25.52 -10.15
C HIS A 179 -11.47 -24.27 -9.91
N ASP A 180 -11.51 -23.83 -8.64
CA ASP A 180 -12.26 -22.63 -8.31
C ASP A 180 -11.66 -21.40 -8.97
N TRP A 181 -10.38 -21.14 -8.67
CA TRP A 181 -9.71 -19.98 -9.25
C TRP A 181 -9.78 -20.01 -10.77
N MET A 182 -9.72 -21.19 -11.35
CA MET A 182 -9.79 -21.33 -12.80
C MET A 182 -11.08 -20.78 -13.39
N ASN A 183 -12.22 -21.16 -12.82
CA ASN A 183 -13.48 -20.69 -13.34
C ASN A 183 -13.85 -19.31 -12.81
N ASN A 184 -12.86 -18.63 -12.24
CA ASN A 184 -13.08 -17.28 -11.72
C ASN A 184 -12.31 -16.30 -12.57
N GLN A 185 -11.46 -16.84 -13.45
CA GLN A 185 -10.67 -16.02 -14.34
C GLN A 185 -11.23 -16.14 -15.75
N PHE A 186 -11.86 -17.26 -16.04
CA PHE A 186 -12.45 -17.48 -17.35
C PHE A 186 -13.89 -17.94 -17.20
N GLY A 187 -14.44 -17.71 -16.02
CA GLY A 187 -15.82 -18.12 -15.77
C GLY A 187 -16.75 -17.48 -16.79
N GLN A 188 -16.99 -16.19 -16.62
CA GLN A 188 -17.86 -15.41 -17.50
C GLN A 188 -18.15 -16.09 -18.83
N SER A 189 -17.08 -16.25 -19.62
CA SER A 189 -17.13 -16.84 -20.95
C SER A 189 -17.85 -18.17 -21.10
N LEU A 190 -17.53 -19.11 -20.22
CA LEU A 190 -18.10 -20.45 -20.32
C LEU A 190 -19.39 -20.78 -19.58
N GLU A 191 -20.03 -19.80 -18.95
CA GLU A 191 -21.27 -20.11 -18.23
C GLU A 191 -22.26 -20.74 -19.18
N LEU A 192 -22.89 -21.82 -18.75
CA LEU A 192 -23.86 -22.52 -19.59
C LEU A 192 -25.20 -21.80 -19.68
N ASP A 193 -25.93 -22.07 -20.76
CA ASP A 193 -27.24 -21.51 -20.98
C ASP A 193 -28.26 -22.65 -20.95
N GLY A 194 -27.74 -23.87 -20.88
CA GLY A 194 -28.59 -25.04 -20.85
C GLY A 194 -27.76 -26.31 -20.73
N ILE A 195 -28.40 -27.40 -20.35
CA ILE A 195 -27.73 -28.68 -20.21
C ILE A 195 -28.63 -29.79 -20.71
N ILE A 196 -28.07 -30.73 -21.46
CA ILE A 196 -28.87 -31.84 -21.96
C ILE A 196 -28.26 -33.11 -21.40
N TYR A 197 -29.01 -33.75 -20.50
CA TYR A 197 -28.56 -34.97 -19.84
C TYR A 197 -28.97 -36.22 -20.61
N LEU A 198 -28.01 -36.88 -21.23
CA LEU A 198 -28.31 -38.11 -21.96
C LEU A 198 -28.26 -39.20 -20.91
N GLN A 199 -29.43 -39.59 -20.43
CA GLN A 199 -29.55 -40.60 -19.40
C GLN A 199 -29.48 -42.01 -19.97
N ALA A 200 -28.82 -42.91 -19.24
CA ALA A 200 -28.70 -44.30 -19.67
C ALA A 200 -28.15 -45.19 -18.55
N THR A 201 -28.74 -46.36 -18.43
CA THR A 201 -28.34 -47.33 -17.40
C THR A 201 -26.84 -47.60 -17.45
N PRO A 202 -26.21 -47.77 -16.28
CA PRO A 202 -24.78 -48.04 -16.29
C PRO A 202 -24.54 -49.34 -17.07
N GLU A 203 -25.56 -50.17 -17.19
CA GLU A 203 -25.44 -51.42 -17.94
C GLU A 203 -25.24 -51.05 -19.42
N THR A 204 -26.14 -50.23 -19.95
CA THR A 204 -26.05 -49.82 -21.35
C THR A 204 -24.70 -49.22 -21.62
N CYS A 205 -24.25 -48.35 -20.73
CA CYS A 205 -22.96 -47.71 -20.90
C CYS A 205 -21.87 -48.76 -20.90
N LEU A 206 -21.94 -49.71 -19.98
CA LEU A 206 -20.91 -50.74 -19.93
C LEU A 206 -20.89 -51.44 -21.27
N HIS A 207 -22.06 -51.62 -21.86
CA HIS A 207 -22.17 -52.28 -23.15
C HIS A 207 -21.54 -51.43 -24.23
N ARG A 208 -21.98 -50.17 -24.34
CA ARG A 208 -21.43 -49.29 -25.35
C ARG A 208 -19.95 -49.03 -25.17
N ILE A 209 -19.44 -49.18 -23.95
CA ILE A 209 -18.01 -49.01 -23.71
C ILE A 209 -17.27 -50.11 -24.47
N TYR A 210 -17.93 -51.27 -24.57
CA TYR A 210 -17.38 -52.43 -25.26
C TYR A 210 -17.50 -52.25 -26.77
N LEU A 211 -18.64 -51.71 -27.22
CA LEU A 211 -18.85 -51.48 -28.65
C LEU A 211 -17.84 -50.47 -29.17
N ARG A 212 -17.62 -49.41 -28.40
CA ARG A 212 -16.66 -48.37 -28.76
C ARG A 212 -15.28 -49.02 -28.90
N GLY A 213 -14.75 -49.56 -27.80
CA GLY A 213 -13.49 -50.25 -27.87
C GLY A 213 -12.21 -49.60 -27.38
N ARG A 214 -12.25 -48.43 -26.74
CA ARG A 214 -10.99 -47.82 -26.28
C ARG A 214 -10.34 -48.79 -25.29
N ASN A 215 -9.16 -49.30 -25.64
CA ASN A 215 -8.49 -50.27 -24.79
C ASN A 215 -8.17 -49.80 -23.38
N GLU A 216 -8.19 -48.49 -23.15
CA GLU A 216 -7.89 -47.99 -21.81
C GLU A 216 -9.03 -48.30 -20.84
N GLU A 217 -10.25 -48.07 -21.32
CA GLU A 217 -11.43 -48.25 -20.52
C GLU A 217 -12.11 -49.61 -20.62
N GLN A 218 -11.35 -50.63 -21.02
CA GLN A 218 -11.91 -51.95 -21.16
C GLN A 218 -11.97 -52.71 -19.85
N GLY A 219 -11.32 -52.19 -18.82
CA GLY A 219 -11.33 -52.86 -17.54
C GLY A 219 -12.37 -52.32 -16.58
N ILE A 220 -13.02 -51.23 -16.99
CA ILE A 220 -14.03 -50.59 -16.17
C ILE A 220 -15.13 -51.56 -15.80
N PRO A 221 -15.36 -51.74 -14.50
CA PRO A 221 -16.38 -52.63 -13.95
C PRO A 221 -17.70 -51.87 -13.83
N LEU A 222 -18.81 -52.60 -13.69
CA LEU A 222 -20.10 -51.95 -13.59
C LEU A 222 -20.14 -51.06 -12.35
N GLU A 223 -19.60 -51.56 -11.23
CA GLU A 223 -19.57 -50.79 -9.99
C GLU A 223 -19.19 -49.36 -10.28
N TYR A 224 -18.11 -49.18 -11.03
CA TYR A 224 -17.62 -47.85 -11.40
C TYR A 224 -18.68 -47.07 -12.17
N LEU A 225 -19.09 -47.60 -13.33
CA LEU A 225 -20.12 -46.94 -14.15
C LEU A 225 -21.35 -46.59 -13.32
N GLU A 226 -21.65 -47.44 -12.34
CA GLU A 226 -22.78 -47.24 -11.46
C GLU A 226 -22.56 -46.01 -10.59
N LYS A 227 -21.43 -45.97 -9.88
CA LYS A 227 -21.13 -44.86 -8.99
C LYS A 227 -21.25 -43.53 -9.72
N LEU A 228 -20.73 -43.47 -10.93
CA LEU A 228 -20.78 -42.26 -11.74
C LEU A 228 -22.20 -41.97 -12.18
N HIS A 229 -22.98 -43.02 -12.41
CA HIS A 229 -24.37 -42.86 -12.81
C HIS A 229 -25.16 -42.09 -11.76
N TYR A 230 -25.11 -42.57 -10.53
CA TYR A 230 -25.80 -41.95 -9.43
C TYR A 230 -25.38 -40.49 -9.32
N LYS A 231 -24.09 -40.24 -9.50
CA LYS A 231 -23.56 -38.88 -9.43
C LYS A 231 -24.26 -37.98 -10.43
N HIS A 232 -24.64 -38.54 -11.56
CA HIS A 232 -25.34 -37.77 -12.57
C HIS A 232 -26.78 -37.58 -12.12
N GLU A 233 -27.43 -38.68 -11.74
CA GLU A 233 -28.80 -38.64 -11.28
C GLU A 233 -28.96 -37.58 -10.18
N SER A 234 -28.05 -37.64 -9.21
CA SER A 234 -28.05 -36.73 -8.09
C SER A 234 -27.92 -35.27 -8.49
N TRP A 235 -27.10 -34.99 -9.49
CA TRP A 235 -26.88 -33.62 -9.92
C TRP A 235 -27.88 -33.03 -10.92
N LEU A 236 -28.13 -33.75 -12.00
CA LEU A 236 -29.01 -33.27 -13.05
C LEU A 236 -30.46 -33.72 -12.97
N LEU A 237 -30.73 -34.81 -12.25
CA LEU A 237 -32.11 -35.28 -12.17
C LEU A 237 -32.80 -34.87 -10.89
N HIS A 238 -32.27 -35.34 -9.76
CA HIS A 238 -32.84 -35.00 -8.46
C HIS A 238 -32.38 -33.63 -7.98
N ARG A 239 -31.38 -33.08 -8.65
CA ARG A 239 -30.82 -31.77 -8.32
C ARG A 239 -30.54 -31.62 -6.82
N THR A 240 -30.18 -32.73 -6.18
CA THR A 240 -29.87 -32.72 -4.76
C THR A 240 -28.40 -32.46 -4.53
N LEU A 241 -27.60 -32.53 -5.59
CA LEU A 241 -26.15 -32.29 -5.49
C LEU A 241 -25.81 -30.82 -5.61
N LYS A 242 -25.29 -30.27 -4.52
CA LYS A 242 -24.92 -28.86 -4.47
C LYS A 242 -23.53 -28.61 -5.04
N THR A 243 -23.40 -27.57 -5.85
CA THR A 243 -22.12 -27.18 -6.43
C THR A 243 -21.67 -25.89 -5.74
N ASN A 244 -20.66 -25.26 -6.30
CA ASN A 244 -20.15 -24.03 -5.73
C ASN A 244 -20.25 -22.96 -6.83
N PHE A 245 -21.27 -23.12 -7.67
CA PHE A 245 -21.52 -22.19 -8.76
C PHE A 245 -23.00 -21.82 -8.79
N ASP A 246 -23.40 -21.02 -7.80
CA ASP A 246 -24.78 -20.57 -7.61
C ASP A 246 -25.70 -20.54 -8.84
N TYR A 247 -25.21 -20.01 -9.94
CA TYR A 247 -26.03 -19.91 -11.14
C TYR A 247 -26.53 -21.24 -11.74
N LEU A 248 -25.87 -22.34 -11.40
CA LEU A 248 -26.26 -23.65 -11.93
C LEU A 248 -27.63 -24.12 -11.47
N GLN A 249 -28.12 -23.51 -10.39
CA GLN A 249 -29.42 -23.87 -9.84
C GLN A 249 -30.54 -23.41 -10.78
N GLU A 250 -30.32 -22.30 -11.47
CA GLU A 250 -31.32 -21.75 -12.39
C GLU A 250 -31.01 -22.06 -13.85
N VAL A 251 -30.53 -23.26 -14.11
CA VAL A 251 -30.20 -23.65 -15.47
C VAL A 251 -31.15 -24.69 -16.01
N PRO A 252 -31.69 -24.47 -17.22
CA PRO A 252 -32.61 -25.41 -17.85
C PRO A 252 -31.94 -26.77 -18.08
N ILE A 253 -32.65 -27.86 -17.82
CA ILE A 253 -32.04 -29.17 -18.01
C ILE A 253 -32.98 -30.17 -18.69
N LEU A 254 -32.71 -30.43 -19.97
CA LEU A 254 -33.49 -31.39 -20.72
C LEU A 254 -32.89 -32.78 -20.49
N THR A 255 -33.73 -33.74 -20.14
CA THR A 255 -33.25 -35.11 -19.91
C THR A 255 -33.82 -36.07 -20.94
N LEU A 256 -32.95 -36.67 -21.76
CA LEU A 256 -33.41 -37.62 -22.78
C LEU A 256 -32.99 -39.05 -22.47
N ASP A 257 -33.92 -39.99 -22.64
CA ASP A 257 -33.58 -41.39 -22.37
C ASP A 257 -32.96 -42.06 -23.59
N VAL A 258 -31.63 -42.03 -23.67
CA VAL A 258 -30.92 -42.60 -24.80
C VAL A 258 -30.57 -44.09 -24.63
N ASN A 259 -31.29 -44.78 -23.74
CA ASN A 259 -31.04 -46.21 -23.52
C ASN A 259 -31.35 -47.07 -24.72
N GLU A 260 -32.31 -46.60 -25.54
CA GLU A 260 -32.71 -47.33 -26.72
C GLU A 260 -31.61 -47.49 -27.73
N ASP A 261 -31.63 -46.66 -28.76
CA ASP A 261 -30.63 -46.73 -29.81
C ASP A 261 -30.99 -45.70 -30.86
N PHE A 262 -30.46 -44.50 -30.72
CA PHE A 262 -30.75 -43.41 -31.64
C PHE A 262 -29.96 -43.37 -32.95
N LYS A 263 -29.05 -44.32 -33.17
CA LYS A 263 -28.30 -44.35 -34.42
C LYS A 263 -29.30 -44.17 -35.57
N ASP A 264 -30.40 -44.94 -35.52
CA ASP A 264 -31.46 -44.89 -36.52
C ASP A 264 -32.60 -44.02 -36.03
N LYS A 265 -33.45 -44.54 -35.13
CA LYS A 265 -34.57 -43.78 -34.60
C LYS A 265 -34.11 -42.68 -33.65
N TYR A 266 -34.16 -41.44 -34.11
CA TYR A 266 -33.75 -40.30 -33.29
C TYR A 266 -34.59 -39.07 -33.58
N GLU A 267 -35.53 -39.19 -34.51
CA GLU A 267 -36.39 -38.09 -34.88
C GLU A 267 -36.95 -37.47 -33.62
N SER A 268 -37.39 -38.34 -32.71
CA SER A 268 -37.96 -37.93 -31.44
C SER A 268 -37.04 -37.01 -30.65
N LEU A 269 -35.91 -37.56 -30.21
CA LEU A 269 -34.93 -36.81 -29.44
C LEU A 269 -34.70 -35.44 -30.03
N VAL A 270 -34.42 -35.38 -31.34
CA VAL A 270 -34.15 -34.13 -32.02
C VAL A 270 -35.21 -33.05 -31.79
N GLU A 271 -36.47 -33.41 -31.99
CA GLU A 271 -37.56 -32.45 -31.81
C GLU A 271 -37.55 -31.88 -30.39
N LYS A 272 -37.33 -32.75 -29.40
CA LYS A 272 -37.29 -32.32 -28.01
C LYS A 272 -36.17 -31.31 -27.77
N VAL A 273 -35.14 -31.36 -28.61
CA VAL A 273 -34.01 -30.43 -28.46
C VAL A 273 -34.37 -29.09 -29.08
N LYS A 274 -34.91 -29.11 -30.29
CA LYS A 274 -35.32 -27.87 -30.95
C LYS A 274 -36.26 -27.18 -29.97
N GLU A 275 -37.17 -27.99 -29.41
CA GLU A 275 -38.16 -27.57 -28.42
C GLU A 275 -37.44 -26.83 -27.29
N PHE A 276 -36.59 -27.58 -26.60
CA PHE A 276 -35.81 -27.09 -25.47
C PHE A 276 -35.00 -25.83 -25.78
N LEU A 277 -34.38 -25.79 -26.96
CA LEU A 277 -33.56 -24.64 -27.35
C LEU A 277 -34.37 -23.38 -27.56
N SER A 278 -35.61 -23.54 -27.99
CA SER A 278 -36.49 -22.39 -28.21
C SER A 278 -36.72 -21.65 -26.90
N THR A 279 -37.02 -22.44 -25.86
CA THR A 279 -37.29 -21.92 -24.52
C THR A 279 -36.09 -21.27 -23.84
N LEU A 280 -35.05 -20.96 -24.61
CA LEU A 280 -33.86 -20.34 -24.04
C LEU A 280 -33.65 -18.92 -24.54
N ARG B 40 1.25 -0.18 -15.32
CA ARG B 40 2.09 1.06 -15.24
C ARG B 40 3.10 0.92 -14.11
N ILE B 41 3.20 -0.29 -13.57
CA ILE B 41 4.11 -0.57 -12.48
C ILE B 41 5.33 -1.34 -12.97
N LYS B 42 6.52 -0.96 -12.50
CA LYS B 42 7.73 -1.66 -12.88
C LYS B 42 7.87 -2.88 -11.99
N LYS B 43 7.98 -4.04 -12.61
CA LYS B 43 8.10 -5.32 -11.92
C LYS B 43 9.51 -5.91 -11.94
N ILE B 44 10.18 -5.85 -10.80
CA ILE B 44 11.54 -6.38 -10.67
C ILE B 44 11.45 -7.75 -9.98
N SER B 45 12.21 -8.72 -10.45
CA SER B 45 12.18 -10.05 -9.84
C SER B 45 13.44 -10.28 -9.01
N ILE B 46 13.29 -10.80 -7.81
CA ILE B 46 14.45 -11.07 -6.98
C ILE B 46 14.76 -12.56 -6.94
N GLU B 47 15.66 -12.95 -7.84
CA GLU B 47 16.08 -14.34 -7.97
C GLU B 47 17.21 -14.71 -7.04
N GLY B 48 17.25 -15.98 -6.67
CA GLY B 48 18.29 -16.46 -5.78
C GLY B 48 18.05 -17.92 -5.47
N ASN B 49 18.96 -18.49 -4.71
CA ASN B 49 18.86 -19.89 -4.32
C ASN B 49 17.93 -20.00 -3.10
N ILE B 50 17.98 -21.14 -2.44
CA ILE B 50 17.18 -21.38 -1.25
C ILE B 50 17.91 -20.76 -0.07
N ALA B 51 17.14 -20.03 0.76
CA ALA B 51 17.69 -19.37 1.93
C ALA B 51 18.86 -18.48 1.58
N ALA B 52 18.90 -18.01 0.33
CA ALA B 52 19.97 -17.13 -0.10
C ALA B 52 19.79 -15.81 0.62
N GLY B 53 18.56 -15.30 0.64
CA GLY B 53 18.31 -14.04 1.33
C GLY B 53 17.42 -13.02 0.65
N LYS B 54 16.59 -13.45 -0.29
CA LYS B 54 15.67 -12.54 -0.98
C LYS B 54 14.82 -11.81 0.06
N SER B 55 13.92 -12.54 0.71
CA SER B 55 13.05 -11.99 1.74
C SER B 55 13.84 -10.97 2.56
N THR B 56 14.81 -11.48 3.33
CA THR B 56 15.64 -10.64 4.18
C THR B 56 16.03 -9.35 3.46
N PHE B 57 16.50 -9.50 2.24
CA PHE B 57 16.92 -8.38 1.41
C PHE B 57 15.79 -7.45 1.02
N VAL B 58 14.74 -8.00 0.40
CA VAL B 58 13.62 -7.19 -0.05
C VAL B 58 12.93 -6.47 1.10
N ASN B 59 12.98 -7.02 2.31
CA ASN B 59 12.36 -6.38 3.47
C ASN B 59 13.05 -5.09 3.78
N ILE B 60 14.35 -5.04 3.51
CA ILE B 60 15.14 -3.83 3.72
C ILE B 60 14.71 -2.82 2.66
N LEU B 61 14.52 -3.31 1.43
CA LEU B 61 14.09 -2.45 0.34
C LEU B 61 12.67 -1.95 0.58
N LYS B 62 11.77 -2.86 0.94
CA LYS B 62 10.35 -2.55 1.18
C LYS B 62 10.15 -1.28 2.01
N GLN B 63 10.95 -1.11 3.07
CA GLN B 63 10.83 0.06 3.93
C GLN B 63 11.87 1.14 3.64
N LEU B 64 11.94 1.55 2.38
CA LEU B 64 12.89 2.58 1.96
C LEU B 64 12.12 3.45 0.98
N CYS B 65 10.81 3.25 0.95
CA CYS B 65 9.91 3.98 0.06
C CYS B 65 8.53 3.34 0.07
N GLU B 66 7.49 4.17 0.15
CA GLU B 66 6.12 3.66 0.16
C GLU B 66 5.54 3.48 -1.24
N ASP B 67 6.42 3.35 -2.23
CA ASP B 67 6.01 3.14 -3.62
C ASP B 67 6.64 1.83 -4.08
N TRP B 68 7.15 1.10 -3.11
CA TRP B 68 7.79 -0.20 -3.31
C TRP B 68 7.07 -1.26 -2.48
N GLU B 69 6.32 -2.13 -3.16
CA GLU B 69 5.59 -3.20 -2.48
C GLU B 69 6.18 -4.54 -2.92
N VAL B 70 6.17 -5.52 -2.02
CA VAL B 70 6.72 -6.85 -2.29
C VAL B 70 5.65 -7.91 -2.44
N VAL B 71 5.95 -8.95 -3.22
CA VAL B 71 5.02 -10.07 -3.43
C VAL B 71 5.76 -11.36 -3.05
N PRO B 72 5.84 -11.65 -1.74
CA PRO B 72 6.52 -12.84 -1.21
C PRO B 72 6.08 -14.14 -1.84
N GLU B 73 6.98 -15.12 -1.81
CA GLU B 73 6.68 -16.44 -2.36
C GLU B 73 5.61 -17.02 -1.43
N PRO B 74 4.50 -17.54 -2.00
CA PRO B 74 3.43 -18.12 -1.19
C PRO B 74 3.79 -19.40 -0.43
N VAL B 75 5.03 -19.48 0.04
CA VAL B 75 5.49 -20.65 0.76
C VAL B 75 4.54 -20.97 1.90
N ALA B 76 4.04 -19.94 2.55
CA ALA B 76 3.12 -20.11 3.66
C ALA B 76 2.02 -21.10 3.31
N ARG B 77 1.37 -20.90 2.17
CA ARG B 77 0.28 -21.76 1.74
C ARG B 77 0.73 -23.12 1.22
N TRP B 78 2.00 -23.23 0.83
CA TRP B 78 2.53 -24.50 0.33
C TRP B 78 2.71 -25.44 1.52
N CYS B 79 2.75 -24.85 2.71
CA CYS B 79 2.92 -25.61 3.94
C CYS B 79 1.60 -25.85 4.65
N ASN B 80 0.50 -25.53 4.00
CA ASN B 80 -0.80 -25.72 4.60
C ASN B 80 -1.85 -25.44 3.54
N VAL B 81 -1.86 -26.27 2.50
CA VAL B 81 -2.79 -26.15 1.40
C VAL B 81 -3.93 -25.18 1.68
N GLN B 82 -5.12 -25.69 1.98
CA GLN B 82 -6.22 -24.79 2.30
C GLN B 82 -6.04 -24.40 3.77
N SER B 83 -5.46 -23.22 3.95
CA SER B 83 -5.18 -22.65 5.27
C SER B 83 -6.39 -22.69 6.19
N ASN B 97 -6.54 -27.11 9.90
CA ASN B 97 -5.30 -27.85 9.64
C ASN B 97 -5.44 -28.70 8.36
N GLY B 98 -4.50 -28.50 7.43
CA GLY B 98 -4.53 -29.24 6.18
C GLY B 98 -3.24 -30.01 5.96
N GLY B 99 -2.84 -30.18 4.71
CA GLY B 99 -1.61 -30.91 4.41
C GLY B 99 -0.44 -30.01 4.04
N ASN B 100 0.78 -30.51 4.18
CA ASN B 100 1.98 -29.73 3.87
C ASN B 100 2.72 -30.28 2.64
N VAL B 101 2.19 -29.94 1.48
CA VAL B 101 2.72 -30.42 0.20
C VAL B 101 4.20 -30.12 -0.03
N LEU B 102 4.75 -29.11 0.63
CA LEU B 102 6.17 -28.82 0.46
C LEU B 102 6.92 -30.01 1.00
N GLN B 103 6.51 -30.45 2.19
CA GLN B 103 7.15 -31.58 2.83
C GLN B 103 6.98 -32.86 2.03
N MET B 104 5.79 -33.04 1.45
CA MET B 104 5.52 -34.24 0.66
C MET B 104 6.56 -34.38 -0.45
N MET B 105 6.87 -33.26 -1.10
CA MET B 105 7.85 -33.27 -2.18
C MET B 105 9.21 -33.71 -1.69
N TYR B 106 9.60 -33.20 -0.54
CA TYR B 106 10.88 -33.53 0.02
C TYR B 106 10.98 -34.97 0.49
N GLU B 107 9.89 -35.51 1.05
CA GLU B 107 9.90 -36.88 1.54
C GLU B 107 9.88 -37.90 0.40
N LYS B 108 9.06 -37.64 -0.60
CA LYS B 108 8.97 -38.56 -1.73
C LYS B 108 8.89 -37.76 -3.02
N PRO B 109 10.03 -37.21 -3.47
CA PRO B 109 10.12 -36.40 -4.68
C PRO B 109 9.58 -37.10 -5.92
N GLU B 110 10.00 -38.34 -6.17
CA GLU B 110 9.55 -39.06 -7.36
C GLU B 110 8.02 -39.24 -7.40
N ARG B 111 7.33 -38.75 -6.38
CA ARG B 111 5.86 -38.87 -6.30
C ARG B 111 5.09 -37.55 -6.19
N TRP B 112 5.66 -36.56 -5.51
CA TRP B 112 4.95 -35.30 -5.35
C TRP B 112 5.55 -34.08 -6.07
N SER B 113 6.68 -34.27 -6.74
CA SER B 113 7.32 -33.18 -7.47
C SER B 113 6.33 -32.53 -8.41
N PHE B 114 5.68 -33.34 -9.24
CA PHE B 114 4.71 -32.77 -10.18
C PHE B 114 3.67 -31.96 -9.44
N THR B 115 2.90 -32.62 -8.59
CA THR B 115 1.84 -31.93 -7.85
C THR B 115 2.35 -30.62 -7.26
N PHE B 116 3.41 -30.71 -6.46
CA PHE B 116 3.97 -29.53 -5.83
C PHE B 116 4.32 -28.46 -6.84
N GLN B 117 5.23 -28.80 -7.74
CA GLN B 117 5.68 -27.89 -8.77
C GLN B 117 4.56 -27.17 -9.51
N THR B 118 3.45 -27.88 -9.73
CA THR B 118 2.32 -27.31 -10.44
C THR B 118 1.66 -26.30 -9.53
N TYR B 119 1.31 -26.75 -8.33
CA TYR B 119 0.66 -25.91 -7.35
C TYR B 119 1.47 -24.65 -7.02
N ALA B 120 2.77 -24.86 -6.81
CA ALA B 120 3.69 -23.78 -6.47
C ALA B 120 3.69 -22.66 -7.49
N CYS B 121 3.70 -23.01 -8.76
CA CYS B 121 3.72 -21.99 -9.80
C CYS B 121 2.37 -21.31 -9.93
N LEU B 122 1.29 -22.06 -9.80
CA LEU B 122 -0.03 -21.47 -9.90
C LEU B 122 -0.17 -20.42 -8.82
N SER B 123 0.00 -20.88 -7.57
CA SER B 123 -0.09 -20.04 -6.38
C SER B 123 0.70 -18.75 -6.54
N ARG B 124 1.77 -18.80 -7.32
CA ARG B 124 2.59 -17.63 -7.55
C ARG B 124 1.87 -16.75 -8.56
N ILE B 125 1.49 -17.31 -9.70
CA ILE B 125 0.82 -16.51 -10.71
C ILE B 125 -0.32 -15.72 -10.09
N ARG B 126 -1.09 -16.38 -9.23
CA ARG B 126 -2.21 -15.72 -8.57
C ARG B 126 -1.70 -14.61 -7.70
N ALA B 127 -0.85 -14.98 -6.75
CA ALA B 127 -0.27 -14.01 -5.81
C ALA B 127 0.26 -12.75 -6.49
N GLN B 128 0.89 -12.91 -7.66
CA GLN B 128 1.45 -11.78 -8.38
C GLN B 128 0.38 -10.99 -9.12
N LEU B 129 -0.49 -11.66 -9.86
CA LEU B 129 -1.56 -10.98 -10.57
C LEU B 129 -2.38 -10.18 -9.55
N ALA B 130 -2.57 -10.78 -8.38
CA ALA B 130 -3.30 -10.18 -7.29
C ALA B 130 -2.68 -8.84 -6.92
N SER B 131 -1.40 -8.86 -6.57
CA SER B 131 -0.69 -7.65 -6.20
C SER B 131 -0.73 -6.56 -7.26
N LEU B 132 -0.93 -6.93 -8.52
CA LEU B 132 -0.98 -5.93 -9.57
C LEU B 132 -2.18 -5.01 -9.46
N ASN B 133 -3.12 -5.35 -8.59
CA ASN B 133 -4.32 -4.53 -8.38
C ASN B 133 -4.32 -3.82 -7.03
N GLY B 134 -3.18 -3.87 -6.33
CA GLY B 134 -3.08 -3.22 -5.03
C GLY B 134 -3.11 -1.71 -5.14
N LYS B 135 -3.26 -1.04 -4.00
CA LYS B 135 -3.31 0.42 -3.98
C LYS B 135 -2.02 1.01 -4.52
N LEU B 136 -1.06 0.15 -4.82
CA LEU B 136 0.22 0.58 -5.37
C LEU B 136 0.00 1.12 -6.77
N LYS B 137 -1.00 0.56 -7.45
CA LYS B 137 -1.34 0.96 -8.81
C LYS B 137 -1.59 2.45 -8.97
N ASP B 138 -1.73 3.17 -7.84
CA ASP B 138 -1.99 4.61 -7.85
C ASP B 138 -0.80 5.54 -7.72
N ALA B 139 0.12 5.24 -6.79
CA ALA B 139 1.30 6.08 -6.56
C ALA B 139 1.98 6.56 -7.85
N GLU B 140 2.95 7.47 -7.71
CA GLU B 140 3.66 8.04 -8.85
C GLU B 140 4.63 7.08 -9.56
N LYS B 141 5.77 6.80 -8.93
CA LYS B 141 6.78 5.89 -9.47
C LYS B 141 6.73 4.60 -8.64
N PRO B 142 5.87 3.64 -9.03
CA PRO B 142 5.68 2.34 -8.35
C PRO B 142 6.65 1.26 -8.77
N VAL B 143 6.99 0.40 -7.83
CA VAL B 143 7.88 -0.72 -8.10
C VAL B 143 7.38 -1.92 -7.31
N LEU B 144 7.21 -3.05 -7.99
CA LEU B 144 6.73 -4.25 -7.36
C LEU B 144 7.80 -5.34 -7.45
N PHE B 145 8.38 -5.70 -6.29
CA PHE B 145 9.41 -6.73 -6.22
C PHE B 145 8.80 -8.12 -6.01
N PHE B 146 9.15 -9.06 -6.88
CA PHE B 146 8.66 -10.44 -6.80
C PHE B 146 9.71 -11.34 -6.17
N GLU B 147 9.30 -12.15 -5.20
CA GLU B 147 10.25 -13.08 -4.59
C GLU B 147 10.19 -14.30 -5.53
N ARG B 148 11.13 -14.37 -6.48
CA ARG B 148 11.20 -15.43 -7.49
C ARG B 148 10.10 -15.27 -8.56
N SER B 149 10.38 -15.72 -9.78
CA SER B 149 9.43 -15.61 -10.88
C SER B 149 9.04 -16.95 -11.46
N VAL B 150 7.93 -16.98 -12.19
CA VAL B 150 7.44 -18.22 -12.83
C VAL B 150 8.53 -18.84 -13.71
N TYR B 151 9.51 -18.03 -14.09
CA TYR B 151 10.60 -18.47 -14.94
C TYR B 151 11.52 -19.37 -14.17
N SER B 152 11.94 -18.94 -12.98
CA SER B 152 12.82 -19.76 -12.18
C SER B 152 12.08 -20.99 -11.66
N ASP B 153 10.75 -20.91 -11.55
CA ASP B 153 9.99 -22.07 -11.08
C ASP B 153 10.22 -23.22 -12.04
N ARG B 154 9.95 -22.93 -13.31
CA ARG B 154 10.06 -23.90 -14.38
C ARG B 154 11.47 -24.20 -14.83
N TYR B 155 12.26 -23.17 -15.08
CA TYR B 155 13.61 -23.38 -15.57
C TYR B 155 14.67 -23.75 -14.54
N ILE B 156 14.45 -23.43 -13.27
CA ILE B 156 15.44 -23.78 -12.25
C ILE B 156 15.02 -25.03 -11.47
N PHE B 157 13.88 -24.97 -10.78
CA PHE B 157 13.42 -26.08 -9.96
C PHE B 157 12.73 -27.24 -10.64
N ALA B 158 11.62 -26.97 -11.30
CA ALA B 158 10.87 -28.01 -12.00
C ALA B 158 11.86 -28.70 -12.92
N SER B 159 12.51 -27.89 -13.76
CA SER B 159 13.51 -28.37 -14.70
C SER B 159 14.45 -29.33 -14.00
N ASN B 160 15.14 -28.86 -12.96
CA ASN B 160 16.08 -29.69 -12.24
C ASN B 160 15.47 -30.94 -11.62
N LEU B 161 14.21 -30.89 -11.22
CA LEU B 161 13.59 -32.08 -10.65
C LEU B 161 13.44 -33.10 -11.74
N TYR B 162 13.11 -32.61 -12.93
CA TYR B 162 12.95 -33.48 -14.09
C TYR B 162 14.26 -34.19 -14.38
N GLU B 163 15.33 -33.41 -14.48
CA GLU B 163 16.64 -33.96 -14.75
C GLU B 163 17.08 -34.92 -13.64
N SER B 164 16.57 -34.72 -12.42
CA SER B 164 16.91 -35.57 -11.27
C SER B 164 16.03 -36.80 -11.29
N GLU B 165 15.35 -37.01 -12.41
CA GLU B 165 14.46 -38.14 -12.60
C GLU B 165 13.33 -38.21 -11.58
N CYS B 166 12.84 -37.05 -11.13
CA CYS B 166 11.75 -37.00 -10.17
C CYS B 166 10.45 -36.65 -10.86
N MET B 167 10.50 -36.57 -12.18
CA MET B 167 9.32 -36.31 -13.00
C MET B 167 9.42 -37.13 -14.26
N ASN B 168 8.55 -38.12 -14.43
CA ASN B 168 8.62 -38.95 -15.63
C ASN B 168 8.31 -38.08 -16.84
N GLU B 169 8.60 -38.58 -18.04
CA GLU B 169 8.36 -37.83 -19.27
C GLU B 169 7.03 -37.12 -19.27
N THR B 170 5.96 -37.90 -19.10
CA THR B 170 4.59 -37.39 -19.08
C THR B 170 4.39 -36.19 -18.15
N GLU B 171 4.87 -36.31 -16.91
CA GLU B 171 4.76 -35.22 -15.94
C GLU B 171 5.43 -33.96 -16.46
N TRP B 172 6.67 -34.11 -16.94
CA TRP B 172 7.42 -32.97 -17.45
C TRP B 172 6.77 -32.37 -18.69
N THR B 173 6.17 -33.21 -19.53
CA THR B 173 5.54 -32.73 -20.74
C THR B 173 4.32 -31.92 -20.37
N ILE B 174 3.50 -32.50 -19.49
CA ILE B 174 2.28 -31.83 -19.06
C ILE B 174 2.65 -30.53 -18.34
N TYR B 175 3.64 -30.62 -17.44
CA TYR B 175 4.08 -29.44 -16.72
C TYR B 175 4.40 -28.30 -17.65
N GLN B 176 5.23 -28.57 -18.66
CA GLN B 176 5.62 -27.53 -19.59
C GLN B 176 4.43 -26.99 -20.36
N ASP B 177 3.66 -27.91 -20.96
CA ASP B 177 2.49 -27.55 -21.76
C ASP B 177 1.57 -26.60 -20.99
N TRP B 178 1.34 -26.93 -19.72
CA TRP B 178 0.50 -26.13 -18.83
C TRP B 178 1.18 -24.77 -18.60
N HIS B 179 2.42 -24.82 -18.13
CA HIS B 179 3.18 -23.60 -17.86
C HIS B 179 3.16 -22.65 -19.05
N ASP B 180 3.30 -23.18 -20.26
CA ASP B 180 3.30 -22.34 -21.46
C ASP B 180 1.96 -21.65 -21.60
N TRP B 181 0.89 -22.44 -21.71
CA TRP B 181 -0.45 -21.86 -21.86
C TRP B 181 -0.77 -20.87 -20.75
N MET B 182 -0.28 -21.15 -19.56
CA MET B 182 -0.52 -20.26 -18.43
C MET B 182 0.04 -18.86 -18.64
N ASN B 183 1.28 -18.76 -19.07
CA ASN B 183 1.86 -17.46 -19.28
C ASN B 183 1.51 -16.88 -20.65
N ASN B 184 0.48 -17.42 -21.27
CA ASN B 184 0.04 -16.93 -22.56
C ASN B 184 -1.34 -16.33 -22.39
N GLN B 185 -1.93 -16.54 -21.22
CA GLN B 185 -3.25 -16.02 -20.91
C GLN B 185 -3.10 -14.87 -19.94
N PHE B 186 -2.04 -14.91 -19.12
CA PHE B 186 -1.79 -13.85 -18.14
C PHE B 186 -0.36 -13.37 -18.28
N GLY B 187 0.27 -13.66 -19.42
CA GLY B 187 1.63 -13.23 -19.65
C GLY B 187 1.73 -11.73 -19.52
N GLN B 188 1.23 -11.03 -20.54
CA GLN B 188 1.25 -9.57 -20.60
C GLN B 188 1.52 -8.91 -19.24
N SER B 189 0.57 -9.11 -18.34
CA SER B 189 0.62 -8.54 -17.00
C SER B 189 1.89 -8.73 -16.19
N LEU B 190 2.40 -9.96 -16.17
CA LEU B 190 3.58 -10.25 -15.37
C LEU B 190 4.96 -10.14 -15.99
N GLU B 191 5.08 -9.67 -17.22
CA GLU B 191 6.41 -9.58 -17.83
C GLU B 191 7.30 -8.73 -16.96
N LEU B 192 8.52 -9.20 -16.72
CA LEU B 192 9.46 -8.48 -15.87
C LEU B 192 10.10 -7.28 -16.57
N ASP B 193 10.54 -6.31 -15.76
CA ASP B 193 11.19 -5.12 -16.28
C ASP B 193 12.64 -5.14 -15.80
N GLY B 194 12.95 -6.12 -14.95
CA GLY B 194 14.29 -6.26 -14.43
C GLY B 194 14.39 -7.47 -13.52
N ILE B 195 15.61 -7.89 -13.22
CA ILE B 195 15.85 -9.04 -12.36
C ILE B 195 17.05 -8.76 -11.49
N ILE B 196 16.96 -9.10 -10.21
CA ILE B 196 18.08 -8.89 -9.33
C ILE B 196 18.47 -10.27 -8.81
N TYR B 197 19.65 -10.72 -9.19
CA TYR B 197 20.16 -12.02 -8.80
C TYR B 197 21.00 -11.94 -7.54
N LEU B 198 20.47 -12.47 -6.45
CA LEU B 198 21.19 -12.49 -5.19
C LEU B 198 22.02 -13.75 -5.22
N GLN B 199 23.29 -13.58 -5.59
CA GLN B 199 24.23 -14.66 -5.72
C GLN B 199 24.83 -15.07 -4.38
N ALA B 200 25.02 -16.37 -4.19
CA ALA B 200 25.59 -16.89 -2.95
C ALA B 200 25.95 -18.38 -3.07
N THR B 201 27.13 -18.73 -2.56
CA THR B 201 27.61 -20.10 -2.62
C THR B 201 26.58 -21.06 -2.08
N PRO B 202 26.48 -22.26 -2.67
CA PRO B 202 25.51 -23.21 -2.16
C PRO B 202 25.86 -23.55 -0.72
N GLU B 203 27.11 -23.30 -0.33
CA GLU B 203 27.52 -23.54 1.04
C GLU B 203 26.80 -22.54 1.96
N THR B 204 26.88 -21.25 1.61
CA THR B 204 26.24 -20.22 2.40
C THR B 204 24.76 -20.52 2.53
N CYS B 205 24.14 -20.90 1.41
CA CYS B 205 22.73 -21.21 1.42
C CYS B 205 22.45 -22.38 2.33
N LEU B 206 23.26 -23.42 2.25
CA LEU B 206 23.06 -24.57 3.12
C LEU B 206 23.11 -24.13 4.56
N HIS B 207 24.00 -23.18 4.85
CA HIS B 207 24.13 -22.63 6.20
C HIS B 207 22.88 -21.85 6.59
N ARG B 208 22.50 -20.88 5.77
CA ARG B 208 21.31 -20.09 6.05
C ARG B 208 20.04 -20.93 6.10
N ILE B 209 20.04 -22.09 5.42
CA ILE B 209 18.87 -22.98 5.45
C ILE B 209 18.73 -23.50 6.87
N TYR B 210 19.88 -23.66 7.53
CA TYR B 210 19.93 -24.13 8.91
C TYR B 210 19.55 -23.00 9.87
N LEU B 211 20.02 -21.78 9.59
CA LEU B 211 19.69 -20.64 10.45
C LEU B 211 18.19 -20.37 10.40
N ARG B 212 17.60 -20.45 9.21
CA ARG B 212 16.17 -20.24 9.04
C ARG B 212 15.43 -21.28 9.85
N GLY B 213 15.61 -22.55 9.50
CA GLY B 213 14.98 -23.61 10.27
C GLY B 213 13.73 -24.32 9.80
N ARG B 214 13.26 -24.09 8.59
CA ARG B 214 12.05 -24.80 8.15
C ARG B 214 12.35 -26.29 8.21
N ASN B 215 11.63 -27.01 9.06
CA ASN B 215 11.86 -28.45 9.20
C ASN B 215 11.70 -29.28 7.93
N GLU B 216 11.02 -28.75 6.93
CA GLU B 216 10.83 -29.49 5.69
C GLU B 216 12.14 -29.58 4.90
N GLU B 217 12.85 -28.47 4.84
CA GLU B 217 14.10 -28.38 4.09
C GLU B 217 15.38 -28.63 4.89
N GLN B 218 15.25 -29.35 6.00
CA GLN B 218 16.41 -29.62 6.83
C GLN B 218 17.21 -30.81 6.34
N GLY B 219 16.66 -31.56 5.39
CA GLY B 219 17.35 -32.72 4.87
C GLY B 219 18.11 -32.43 3.59
N ILE B 220 17.91 -31.24 3.06
CA ILE B 220 18.55 -30.83 1.83
C ILE B 220 20.07 -30.93 1.93
N PRO B 221 20.68 -31.72 1.04
CA PRO B 221 22.13 -31.95 0.97
C PRO B 221 22.76 -30.88 0.09
N LEU B 222 24.07 -30.68 0.23
CA LEU B 222 24.72 -29.66 -0.57
C LEU B 222 24.56 -29.95 -2.06
N GLU B 223 24.71 -31.22 -2.44
CA GLU B 223 24.58 -31.62 -3.84
C GLU B 223 23.38 -30.92 -4.49
N TYR B 224 22.25 -30.97 -3.81
CA TYR B 224 21.03 -30.34 -4.29
C TYR B 224 21.23 -28.84 -4.45
N LEU B 225 21.55 -28.16 -3.36
CA LEU B 225 21.78 -26.72 -3.40
C LEU B 225 22.74 -26.35 -4.50
N GLU B 226 23.70 -27.24 -4.74
CA GLU B 226 24.69 -27.04 -5.77
C GLU B 226 24.06 -27.07 -7.14
N LYS B 227 23.32 -28.14 -7.44
CA LYS B 227 22.67 -28.30 -8.74
C LYS B 227 21.84 -27.09 -9.09
N LEU B 228 21.09 -26.60 -8.11
CA LEU B 228 20.24 -25.43 -8.30
C LEU B 228 21.09 -24.18 -8.51
N HIS B 229 22.24 -24.13 -7.85
CA HIS B 229 23.13 -22.99 -7.95
C HIS B 229 23.57 -22.77 -9.39
N TYR B 230 24.13 -23.82 -9.99
CA TYR B 230 24.59 -23.78 -11.36
C TYR B 230 23.44 -23.36 -12.27
N LYS B 231 22.25 -23.87 -12.00
CA LYS B 231 21.08 -23.53 -12.81
C LYS B 231 20.86 -22.03 -12.82
N HIS B 232 21.18 -21.37 -11.70
CA HIS B 232 21.03 -19.92 -11.62
C HIS B 232 22.16 -19.27 -12.40
N GLU B 233 23.39 -19.69 -12.11
CA GLU B 233 24.58 -19.18 -12.79
C GLU B 233 24.38 -19.24 -14.30
N SER B 234 23.94 -20.41 -14.77
CA SER B 234 23.71 -20.65 -16.18
C SER B 234 22.68 -19.71 -16.80
N TRP B 235 21.64 -19.41 -16.05
CA TRP B 235 20.58 -18.55 -16.56
C TRP B 235 20.78 -17.05 -16.43
N LEU B 236 21.10 -16.60 -15.22
CA LEU B 236 21.25 -15.18 -14.94
C LEU B 236 22.65 -14.61 -15.04
N LEU B 237 23.67 -15.46 -14.95
CA LEU B 237 25.03 -14.96 -15.02
C LEU B 237 25.66 -15.16 -16.39
N HIS B 238 25.82 -16.42 -16.81
CA HIS B 238 26.41 -16.74 -18.10
C HIS B 238 25.38 -16.59 -19.22
N ARG B 239 24.11 -16.50 -18.85
CA ARG B 239 23.01 -16.35 -19.80
C ARG B 239 23.08 -17.37 -20.91
N THR B 240 23.59 -18.56 -20.60
CA THR B 240 23.71 -19.61 -21.59
C THR B 240 22.46 -20.48 -21.61
N LEU B 241 21.61 -20.31 -20.60
CA LEU B 241 20.38 -21.10 -20.49
C LEU B 241 19.23 -20.45 -21.27
N LYS B 242 18.77 -21.17 -22.29
CA LYS B 242 17.71 -20.68 -23.14
C LYS B 242 16.33 -21.01 -22.56
N THR B 243 15.43 -20.03 -22.60
CA THR B 243 14.05 -20.20 -22.13
C THR B 243 13.14 -20.23 -23.35
N ASN B 244 11.85 -20.12 -23.12
CA ASN B 244 10.90 -20.14 -24.22
C ASN B 244 10.12 -18.85 -24.13
N PHE B 245 10.80 -17.81 -23.66
CA PHE B 245 10.19 -16.49 -23.51
C PHE B 245 11.13 -15.41 -24.06
N ASP B 246 11.24 -15.39 -25.39
CA ASP B 246 12.10 -14.48 -26.13
C ASP B 246 12.49 -13.17 -25.46
N TYR B 247 11.54 -12.48 -24.85
CA TYR B 247 11.82 -11.19 -24.22
C TYR B 247 12.81 -11.20 -23.06
N LEU B 248 12.99 -12.36 -22.43
CA LEU B 248 13.92 -12.48 -21.30
C LEU B 248 15.38 -12.21 -21.66
N GLN B 249 15.69 -12.30 -22.95
CA GLN B 249 17.04 -12.09 -23.42
C GLN B 249 17.43 -10.62 -23.29
N GLU B 250 16.44 -9.73 -23.45
CA GLU B 250 16.69 -8.30 -23.35
C GLU B 250 16.26 -7.72 -22.00
N VAL B 251 16.50 -8.47 -20.93
CA VAL B 251 16.12 -7.99 -19.60
C VAL B 251 17.33 -7.64 -18.75
N PRO B 252 17.32 -6.45 -18.15
CA PRO B 252 18.41 -5.99 -17.29
C PRO B 252 18.58 -6.94 -16.10
N ILE B 253 19.81 -7.28 -15.76
CA ILE B 253 20.05 -8.18 -14.64
C ILE B 253 21.16 -7.74 -13.71
N LEU B 254 20.77 -7.23 -12.55
CA LEU B 254 21.74 -6.79 -11.56
C LEU B 254 22.15 -8.00 -10.70
N THR B 255 23.45 -8.23 -10.53
CA THR B 255 23.89 -9.35 -9.71
C THR B 255 24.63 -8.86 -8.46
N LEU B 256 24.09 -9.18 -7.29
CA LEU B 256 24.71 -8.76 -6.03
C LEU B 256 25.26 -9.92 -5.23
N ASP B 257 26.49 -9.79 -4.73
CA ASP B 257 27.08 -10.87 -3.97
C ASP B 257 26.66 -10.82 -2.51
N VAL B 258 25.59 -11.51 -2.17
CA VAL B 258 25.08 -11.51 -0.79
C VAL B 258 25.70 -12.57 0.11
N ASN B 259 26.87 -13.06 -0.26
CA ASN B 259 27.54 -14.09 0.54
C ASN B 259 27.96 -13.59 1.90
N GLU B 260 28.24 -12.29 1.97
CA GLU B 260 28.68 -11.69 3.22
C GLU B 260 27.66 -11.78 4.34
N ASP B 261 26.93 -10.70 4.55
CA ASP B 261 25.91 -10.66 5.59
C ASP B 261 25.35 -9.24 5.62
N PHE B 262 24.28 -9.03 4.86
CA PHE B 262 23.67 -7.72 4.78
C PHE B 262 22.71 -7.32 5.89
N LYS B 263 22.48 -8.19 6.88
CA LYS B 263 21.59 -7.85 7.98
C LYS B 263 21.98 -6.47 8.48
N ASP B 264 23.29 -6.28 8.68
CA ASP B 264 23.85 -5.01 9.14
C ASP B 264 24.37 -4.18 7.96
N LYS B 265 25.54 -4.54 7.45
CA LYS B 265 26.13 -3.83 6.32
C LYS B 265 25.38 -4.12 5.02
N TYR B 266 24.59 -3.17 4.55
CA TYR B 266 23.83 -3.33 3.32
C TYR B 266 23.71 -2.02 2.55
N GLU B 267 24.28 -0.96 3.10
CA GLU B 267 24.24 0.36 2.47
C GLU B 267 24.65 0.19 1.01
N SER B 268 25.73 -0.56 0.81
CA SER B 268 26.26 -0.82 -0.51
C SER B 268 25.21 -1.37 -1.46
N LEU B 269 24.75 -2.58 -1.18
CA LEU B 269 23.75 -3.25 -2.00
C LEU B 269 22.64 -2.30 -2.40
N VAL B 270 22.06 -1.63 -1.41
CA VAL B 270 20.97 -0.69 -1.66
C VAL B 270 21.26 0.33 -2.75
N GLU B 271 22.40 1.00 -2.66
CA GLU B 271 22.74 2.00 -3.66
C GLU B 271 22.77 1.40 -5.04
N LYS B 272 23.33 0.20 -5.17
CA LYS B 272 23.40 -0.48 -6.46
C LYS B 272 22.02 -0.76 -7.03
N VAL B 273 21.01 -0.85 -6.16
CA VAL B 273 19.66 -1.12 -6.62
C VAL B 273 19.01 0.17 -7.10
N LYS B 274 19.14 1.25 -6.33
CA LYS B 274 18.60 2.55 -6.73
C LYS B 274 19.21 2.84 -8.11
N GLU B 275 20.51 2.60 -8.19
CA GLU B 275 21.30 2.77 -9.41
C GLU B 275 20.60 2.01 -10.55
N PHE B 276 20.53 0.69 -10.38
CA PHE B 276 19.92 -0.22 -11.33
C PHE B 276 18.51 0.16 -11.73
N LEU B 277 17.69 0.56 -10.75
CA LEU B 277 16.31 0.93 -11.03
C LEU B 277 16.17 2.19 -11.87
N SER B 278 17.13 3.10 -11.74
CA SER B 278 17.10 4.34 -12.50
C SER B 278 17.20 4.03 -13.99
N THR B 279 18.13 3.14 -14.31
CA THR B 279 18.40 2.72 -15.69
C THR B 279 17.25 1.94 -16.34
N LEU B 280 16.07 1.99 -15.74
CA LEU B 280 14.93 1.26 -16.28
C LEU B 280 13.84 2.20 -16.76
N ARG C 40 -15.86 24.87 -3.33
CA ARG C 40 -17.10 24.38 -4.02
C ARG C 40 -17.06 22.86 -4.12
N ILE C 41 -16.01 22.29 -3.56
CA ILE C 41 -15.80 20.84 -3.55
C ILE C 41 -16.25 20.24 -2.22
N LYS C 42 -16.91 19.09 -2.27
CA LYS C 42 -17.37 18.44 -1.06
C LYS C 42 -16.22 17.63 -0.49
N LYS C 43 -15.86 17.90 0.76
CA LYS C 43 -14.76 17.25 1.45
C LYS C 43 -15.19 16.20 2.48
N ILE C 44 -14.99 14.94 2.14
CA ILE C 44 -15.36 13.85 3.02
C ILE C 44 -14.07 13.35 3.69
N SER C 45 -14.13 13.07 4.98
CA SER C 45 -12.96 12.57 5.70
C SER C 45 -13.09 11.08 5.97
N ILE C 46 -12.03 10.32 5.71
CA ILE C 46 -12.09 8.88 5.98
C ILE C 46 -11.32 8.54 7.25
N GLU C 47 -12.05 8.47 8.34
CA GLU C 47 -11.48 8.17 9.65
C GLU C 47 -11.39 6.69 9.93
N GLY C 48 -10.41 6.32 10.74
CA GLY C 48 -10.23 4.92 11.08
C GLY C 48 -9.03 4.78 11.96
N ASN C 49 -8.76 3.55 12.40
CA ASN C 49 -7.62 3.28 13.24
C ASN C 49 -6.37 3.09 12.35
N ILE C 50 -5.32 2.52 12.94
CA ILE C 50 -4.09 2.27 12.21
C ILE C 50 -4.27 0.99 11.44
N ALA C 51 -3.86 1.01 10.17
CA ALA C 51 -3.96 -0.15 9.31
C ALA C 51 -5.38 -0.70 9.24
N ALA C 52 -6.35 0.17 9.52
CA ALA C 52 -7.73 -0.25 9.47
C ALA C 52 -8.10 -0.53 8.02
N GLY C 53 -7.70 0.37 7.12
CA GLY C 53 -7.99 0.16 5.72
C GLY C 53 -8.50 1.35 4.92
N LYS C 54 -8.23 2.57 5.38
CA LYS C 54 -8.66 3.76 4.65
C LYS C 54 -8.10 3.72 3.22
N SER C 55 -6.78 3.86 3.11
CA SER C 55 -6.12 3.83 1.83
C SER C 55 -6.76 2.75 0.96
N THR C 56 -6.57 1.50 1.36
CA THR C 56 -7.12 0.36 0.63
C THR C 56 -8.54 0.66 0.15
N PHE C 57 -9.36 1.17 1.06
CA PHE C 57 -10.74 1.51 0.76
C PHE C 57 -10.89 2.66 -0.22
N VAL C 58 -10.28 3.79 0.10
CA VAL C 58 -10.39 4.96 -0.75
C VAL C 58 -9.86 4.72 -2.17
N ASN C 59 -8.89 3.82 -2.32
CA ASN C 59 -8.33 3.52 -3.63
C ASN C 59 -9.39 2.88 -4.52
N ILE C 60 -10.30 2.14 -3.90
CA ILE C 60 -11.39 1.50 -4.61
C ILE C 60 -12.34 2.60 -5.04
N LEU C 61 -12.56 3.55 -4.13
CA LEU C 61 -13.44 4.67 -4.43
C LEU C 61 -12.82 5.56 -5.51
N LYS C 62 -11.54 5.91 -5.34
CA LYS C 62 -10.83 6.78 -6.26
C LYS C 62 -11.07 6.44 -7.72
N GLN C 63 -11.07 5.16 -8.05
CA GLN C 63 -11.29 4.73 -9.43
C GLN C 63 -12.72 4.25 -9.71
N LEU C 64 -13.69 5.09 -9.39
CA LEU C 64 -15.09 4.77 -9.60
C LEU C 64 -15.73 6.06 -10.08
N CYS C 65 -14.88 7.01 -10.45
CA CYS C 65 -15.30 8.32 -10.92
C CYS C 65 -14.11 9.27 -10.98
N GLU C 66 -14.00 10.02 -12.08
CA GLU C 66 -12.90 10.97 -12.24
C GLU C 66 -13.21 12.33 -11.65
N ASP C 67 -14.14 12.37 -10.70
CA ASP C 67 -14.52 13.61 -10.02
C ASP C 67 -14.29 13.39 -8.53
N TRP C 68 -13.61 12.29 -8.24
CA TRP C 68 -13.25 11.89 -6.88
C TRP C 68 -11.74 11.77 -6.76
N GLU C 69 -11.12 12.72 -6.06
CA GLU C 69 -9.66 12.71 -5.87
C GLU C 69 -9.38 12.49 -4.37
N VAL C 70 -8.29 11.81 -4.06
CA VAL C 70 -7.91 11.52 -2.68
C VAL C 70 -6.71 12.32 -2.20
N VAL C 71 -6.64 12.57 -0.89
CA VAL C 71 -5.53 13.30 -0.30
C VAL C 71 -4.93 12.42 0.79
N PRO C 72 -4.09 11.45 0.41
CA PRO C 72 -3.43 10.51 1.33
C PRO C 72 -2.69 11.17 2.50
N GLU C 73 -2.58 10.43 3.59
CA GLU C 73 -1.87 10.95 4.74
C GLU C 73 -0.41 11.05 4.32
N PRO C 74 0.25 12.19 4.56
CA PRO C 74 1.65 12.36 4.17
C PRO C 74 2.65 11.50 4.93
N VAL C 75 2.25 10.28 5.26
CA VAL C 75 3.12 9.36 5.98
C VAL C 75 4.46 9.26 5.30
N ALA C 76 4.43 9.25 3.97
CA ALA C 76 5.65 9.14 3.18
C ALA C 76 6.73 10.10 3.68
N ARG C 77 6.35 11.36 3.83
CA ARG C 77 7.29 12.38 4.28
C ARG C 77 7.62 12.31 5.75
N TRP C 78 6.76 11.66 6.55
CA TRP C 78 7.00 11.54 7.99
C TRP C 78 8.13 10.53 8.19
N CYS C 79 8.36 9.72 7.17
CA CYS C 79 9.40 8.71 7.22
C CYS C 79 10.66 9.14 6.51
N ASN C 80 10.73 10.41 6.15
CA ASN C 80 11.91 10.92 5.48
C ASN C 80 11.82 12.43 5.37
N VAL C 81 12.10 13.11 6.48
CA VAL C 81 12.06 14.56 6.58
C VAL C 81 13.07 15.36 5.73
N GLN C 82 12.55 16.12 4.77
CA GLN C 82 13.37 16.96 3.87
C GLN C 82 12.62 18.28 3.70
N SER C 83 13.13 19.14 2.82
CA SER C 83 12.49 20.44 2.55
C SER C 83 11.72 20.45 1.22
N ASN C 97 17.22 10.74 1.63
CA ASN C 97 17.78 10.04 2.78
C ASN C 97 17.85 10.93 4.03
N GLY C 98 16.69 11.28 4.56
CA GLY C 98 16.63 12.13 5.75
C GLY C 98 16.26 11.32 6.97
N GLY C 99 15.92 11.98 8.07
CA GLY C 99 15.56 11.28 9.28
C GLY C 99 14.16 10.70 9.20
N ASN C 100 13.83 9.74 10.06
CA ASN C 100 12.49 9.14 10.06
C ASN C 100 11.77 9.42 11.38
N VAL C 101 11.25 10.64 11.49
CA VAL C 101 10.55 11.10 12.69
C VAL C 101 9.42 10.20 13.17
N LEU C 102 8.82 9.42 12.27
CA LEU C 102 7.74 8.54 12.70
C LEU C 102 8.35 7.54 13.65
N GLN C 103 9.49 7.00 13.26
CA GLN C 103 10.18 6.03 14.07
C GLN C 103 10.67 6.61 15.38
N MET C 104 11.15 7.85 15.34
CA MET C 104 11.63 8.49 16.54
C MET C 104 10.54 8.50 17.60
N MET C 105 9.32 8.79 17.19
CA MET C 105 8.20 8.84 18.12
C MET C 105 7.98 7.49 18.76
N TYR C 106 8.05 6.47 17.95
CA TYR C 106 7.84 5.12 18.43
C TYR C 106 8.93 4.64 19.37
N GLU C 107 10.17 4.99 19.07
CA GLU C 107 11.28 4.57 19.91
C GLU C 107 11.34 5.28 21.24
N LYS C 108 11.11 6.60 21.21
CA LYS C 108 11.15 7.37 22.45
C LYS C 108 10.00 8.37 22.43
N PRO C 109 8.77 7.90 22.66
CA PRO C 109 7.57 8.73 22.69
C PRO C 109 7.64 9.92 23.63
N GLU C 110 8.07 9.71 24.87
CA GLU C 110 8.15 10.80 25.84
C GLU C 110 9.12 11.90 25.39
N ARG C 111 9.73 11.74 24.21
CA ARG C 111 10.68 12.73 23.69
C ARG C 111 10.34 13.29 22.32
N TRP C 112 9.75 12.49 21.45
CA TRP C 112 9.43 12.96 20.10
C TRP C 112 7.95 13.12 19.76
N SER C 113 7.07 12.76 20.69
CA SER C 113 5.64 12.87 20.47
C SER C 113 5.29 14.29 20.02
N PHE C 114 5.72 15.27 20.80
CA PHE C 114 5.42 16.65 20.44
C PHE C 114 5.88 16.96 19.02
N THR C 115 7.18 16.88 18.80
CA THR C 115 7.73 17.17 17.48
C THR C 115 6.95 16.48 16.41
N PHE C 116 6.83 15.15 16.50
CA PHE C 116 6.11 14.40 15.49
C PHE C 116 4.69 14.92 15.29
N GLN C 117 3.92 14.89 16.36
CA GLN C 117 2.53 15.32 16.34
C GLN C 117 2.30 16.68 15.71
N THR C 118 3.24 17.59 15.93
CA THR C 118 3.17 18.94 15.39
C THR C 118 3.39 18.86 13.90
N TYR C 119 4.51 18.25 13.52
CA TYR C 119 4.88 18.10 12.12
C TYR C 119 3.81 17.36 11.33
N ALA C 120 3.30 16.28 11.91
CA ALA C 120 2.30 15.45 11.27
C ALA C 120 1.05 16.22 10.90
N CYS C 121 0.59 17.06 11.81
CA CYS C 121 -0.61 17.83 11.54
C CYS C 121 -0.36 18.93 10.52
N LEU C 122 0.79 19.59 10.60
CA LEU C 122 1.11 20.65 9.66
C LEU C 122 1.09 20.07 8.26
N SER C 123 1.94 19.07 8.07
CA SER C 123 2.11 18.38 6.80
C SER C 123 0.76 18.00 6.21
N ARG C 124 -0.22 17.76 7.08
CA ARG C 124 -1.55 17.41 6.61
C ARG C 124 -2.25 18.67 6.13
N ILE C 125 -2.26 19.70 6.96
CA ILE C 125 -2.93 20.94 6.58
C ILE C 125 -2.45 21.38 5.20
N ARG C 126 -1.14 21.32 4.99
CA ARG C 126 -0.59 21.71 3.71
C ARG C 126 -1.13 20.79 2.63
N ALA C 127 -0.84 19.51 2.76
CA ALA C 127 -1.28 18.50 1.80
C ALA C 127 -2.73 18.68 1.38
N GLN C 128 -3.60 19.01 2.34
CA GLN C 128 -5.03 19.17 2.04
C GLN C 128 -5.33 20.51 1.36
N LEU C 129 -4.79 21.60 1.90
CA LEU C 129 -5.00 22.91 1.29
C LEU C 129 -4.51 22.86 -0.15
N ALA C 130 -3.41 22.13 -0.34
CA ALA C 130 -2.80 21.97 -1.65
C ALA C 130 -3.80 21.35 -2.61
N SER C 131 -4.33 20.19 -2.25
CA SER C 131 -5.29 19.50 -3.09
C SER C 131 -6.52 20.33 -3.42
N LEU C 132 -6.83 21.32 -2.60
CA LEU C 132 -7.99 22.15 -2.87
C LEU C 132 -7.82 23.01 -4.14
N ASN C 133 -6.62 23.06 -4.67
CA ASN C 133 -6.36 23.82 -5.88
C ASN C 133 -6.08 22.94 -7.08
N GLY C 134 -6.33 21.64 -6.94
CA GLY C 134 -6.11 20.70 -8.02
C GLY C 134 -7.09 20.90 -9.16
N LYS C 135 -6.82 20.27 -10.31
CA LYS C 135 -7.71 20.40 -11.45
C LYS C 135 -9.10 19.88 -11.14
N LEU C 136 -9.27 19.34 -9.93
CA LEU C 136 -10.55 18.82 -9.49
C LEU C 136 -11.52 19.99 -9.31
N LYS C 137 -10.96 21.13 -8.94
CA LYS C 137 -11.74 22.36 -8.71
C LYS C 137 -12.64 22.73 -9.89
N ASP C 138 -12.40 22.11 -11.04
CA ASP C 138 -13.17 22.41 -12.25
C ASP C 138 -14.36 21.51 -12.57
N ALA C 139 -14.19 20.19 -12.44
CA ALA C 139 -15.27 19.23 -12.73
C ALA C 139 -16.63 19.66 -12.18
N GLU C 140 -17.68 18.93 -12.57
CA GLU C 140 -19.05 19.24 -12.15
C GLU C 140 -19.36 18.97 -10.67
N LYS C 141 -19.51 17.69 -10.31
CA LYS C 141 -19.78 17.28 -8.93
C LYS C 141 -18.50 16.65 -8.37
N PRO C 142 -17.61 17.48 -7.78
CA PRO C 142 -16.33 17.07 -7.21
C PRO C 142 -16.42 16.58 -5.77
N VAL C 143 -15.56 15.62 -5.43
CA VAL C 143 -15.50 15.08 -4.08
C VAL C 143 -14.04 14.82 -3.75
N LEU C 144 -13.60 15.34 -2.62
CA LEU C 144 -12.22 15.18 -2.17
C LEU C 144 -12.18 14.39 -0.87
N PHE C 145 -11.69 13.15 -0.92
CA PHE C 145 -11.59 12.31 0.25
C PHE C 145 -10.27 12.51 0.96
N PHE C 146 -10.34 12.77 2.26
CA PHE C 146 -9.15 12.98 3.10
C PHE C 146 -8.81 11.71 3.91
N GLU C 147 -7.55 11.30 3.89
CA GLU C 147 -7.18 10.14 4.68
C GLU C 147 -6.89 10.75 6.05
N ARG C 148 -7.88 10.71 6.95
CA ARG C 148 -7.78 11.29 8.31
C ARG C 148 -7.81 12.81 8.27
N SER C 149 -8.36 13.43 9.32
CA SER C 149 -8.45 14.88 9.40
C SER C 149 -7.68 15.49 10.57
N VAL C 150 -7.43 16.80 10.51
CA VAL C 150 -6.71 17.49 11.58
C VAL C 150 -7.40 17.28 12.93
N TYR C 151 -8.66 16.90 12.89
CA TYR C 151 -9.46 16.66 14.09
C TYR C 151 -9.00 15.39 14.78
N SER C 152 -8.88 14.30 14.03
CA SER C 152 -8.44 13.07 14.63
C SER C 152 -6.97 13.16 15.03
N ASP C 153 -6.22 14.04 14.37
CA ASP C 153 -4.80 14.19 14.71
C ASP C 153 -4.70 14.61 16.17
N ARG C 154 -5.41 15.69 16.47
CA ARG C 154 -5.41 16.28 17.81
C ARG C 154 -6.26 15.56 18.85
N TYR C 155 -7.50 15.23 18.49
CA TYR C 155 -8.39 14.58 19.43
C TYR C 155 -8.21 13.10 19.61
N ILE C 156 -7.61 12.41 18.65
CA ILE C 156 -7.40 10.96 18.80
C ILE C 156 -5.98 10.62 19.22
N PHE C 157 -5.00 10.99 18.38
CA PHE C 157 -3.61 10.66 18.66
C PHE C 157 -2.86 11.54 19.62
N ALA C 158 -2.73 12.83 19.28
CA ALA C 158 -2.03 13.79 20.13
C ALA C 158 -2.64 13.65 21.50
N SER C 159 -3.96 13.81 21.55
CA SER C 159 -4.74 13.72 22.78
C SER C 159 -4.31 12.48 23.55
N ASN C 160 -4.44 11.31 22.94
CA ASN C 160 -4.05 10.07 23.61
C ASN C 160 -2.59 10.00 24.04
N LEU C 161 -1.70 10.63 23.29
CA LEU C 161 -0.30 10.61 23.68
C LEU C 161 -0.15 11.41 24.96
N TYR C 162 -0.91 12.51 25.03
CA TYR C 162 -0.87 13.35 26.20
C TYR C 162 -1.32 12.56 27.40
N GLU C 163 -2.46 11.88 27.25
CA GLU C 163 -3.00 11.10 28.34
C GLU C 163 -2.07 9.95 28.72
N SER C 164 -1.25 9.50 27.77
CA SER C 164 -0.31 8.41 28.02
C SER C 164 0.96 8.98 28.65
N GLU C 165 0.88 10.23 29.09
CA GLU C 165 2.01 10.92 29.70
C GLU C 165 3.25 11.01 28.79
N CYS C 166 3.03 11.16 27.48
CA CYS C 166 4.10 11.27 26.50
C CYS C 166 4.28 12.72 26.07
N MET C 167 3.51 13.60 26.68
CA MET C 167 3.57 15.04 26.40
C MET C 167 3.35 15.76 27.72
N ASN C 168 4.38 16.43 28.23
CA ASN C 168 4.24 17.16 29.49
C ASN C 168 3.21 18.30 29.28
N GLU C 169 2.71 18.87 30.38
CA GLU C 169 1.71 19.94 30.30
C GLU C 169 2.03 20.96 29.21
N THR C 170 3.20 21.57 29.31
CA THR C 170 3.65 22.58 28.36
C THR C 170 3.48 22.16 26.90
N GLU C 171 3.96 20.95 26.56
CA GLU C 171 3.87 20.43 25.20
C GLU C 171 2.42 20.38 24.75
N TRP C 172 1.57 19.81 25.60
CA TRP C 172 0.15 19.70 25.26
C TRP C 172 -0.51 21.05 25.16
N THR C 173 -0.06 22.01 25.97
CA THR C 173 -0.67 23.33 25.96
C THR C 173 -0.28 24.00 24.66
N ILE C 174 1.01 23.95 24.36
CA ILE C 174 1.50 24.56 23.14
C ILE C 174 0.85 23.90 21.95
N TYR C 175 0.80 22.57 21.96
CA TYR C 175 0.20 21.83 20.85
C TYR C 175 -1.22 22.30 20.55
N GLN C 176 -2.04 22.42 21.59
CA GLN C 176 -3.41 22.84 21.40
C GLN C 176 -3.48 24.27 20.87
N ASP C 177 -2.79 25.18 21.57
CA ASP C 177 -2.76 26.60 21.22
C ASP C 177 -2.43 26.79 19.74
N TRP C 178 -1.43 26.05 19.27
CA TRP C 178 -0.99 26.10 17.89
C TRP C 178 -2.09 25.55 17.00
N HIS C 179 -2.54 24.33 17.30
CA HIS C 179 -3.59 23.66 16.54
C HIS C 179 -4.81 24.55 16.39
N ASP C 180 -5.19 25.25 17.45
CA ASP C 180 -6.36 26.13 17.37
C ASP C 180 -6.11 27.27 16.38
N TRP C 181 -5.07 28.07 16.61
CA TRP C 181 -4.75 29.19 15.72
C TRP C 181 -4.62 28.70 14.28
N MET C 182 -4.05 27.51 14.09
CA MET C 182 -3.88 26.95 12.75
C MET C 182 -5.19 26.80 12.00
N ASN C 183 -6.20 26.21 12.64
CA ASN C 183 -7.47 26.02 11.96
C ASN C 183 -8.35 27.25 12.05
N ASN C 184 -7.75 28.38 12.37
CA ASN C 184 -8.49 29.62 12.45
C ASN C 184 -8.00 30.54 11.35
N GLN C 185 -6.91 30.13 10.71
CA GLN C 185 -6.34 30.91 9.63
C GLN C 185 -6.64 30.20 8.31
N PHE C 186 -6.79 28.88 8.36
CA PHE C 186 -7.08 28.11 7.17
C PHE C 186 -8.28 27.22 7.42
N GLY C 187 -9.04 27.55 8.46
CA GLY C 187 -10.20 26.75 8.78
C GLY C 187 -11.15 26.68 7.61
N GLN C 188 -11.83 27.79 7.36
CA GLN C 188 -12.79 27.90 6.27
C GLN C 188 -12.64 26.81 5.21
N SER C 189 -11.50 26.85 4.53
CA SER C 189 -11.17 25.94 3.45
C SER C 189 -11.34 24.44 3.70
N LEU C 190 -10.86 23.98 4.84
CA LEU C 190 -10.90 22.56 5.15
C LEU C 190 -12.09 22.00 5.93
N GLU C 191 -13.12 22.80 6.19
CA GLU C 191 -14.25 22.28 6.95
C GLU C 191 -14.83 21.07 6.23
N LEU C 192 -15.11 20.01 6.97
CA LEU C 192 -15.63 18.79 6.38
C LEU C 192 -17.12 18.89 6.06
N ASP C 193 -17.54 18.08 5.09
CA ASP C 193 -18.93 18.03 4.66
C ASP C 193 -19.50 16.66 5.01
N GLY C 194 -18.61 15.78 5.47
CA GLY C 194 -19.01 14.43 5.85
C GLY C 194 -17.81 13.66 6.38
N ILE C 195 -18.08 12.57 7.09
CA ILE C 195 -17.02 11.73 7.64
C ILE C 195 -17.41 10.27 7.48
N ILE C 196 -16.46 9.44 7.07
CA ILE C 196 -16.74 8.03 6.92
C ILE C 196 -15.82 7.29 7.86
N TYR C 197 -16.42 6.69 8.88
CA TYR C 197 -15.69 5.96 9.90
C TYR C 197 -15.54 4.48 9.54
N LEU C 198 -14.32 4.08 9.20
CA LEU C 198 -14.06 2.69 8.88
C LEU C 198 -13.76 2.03 10.22
N GLN C 199 -14.78 1.39 10.77
CA GLN C 199 -14.68 0.73 12.06
C GLN C 199 -14.08 -0.66 11.96
N ALA C 200 -13.26 -1.02 12.94
CA ALA C 200 -12.60 -2.32 12.96
C ALA C 200 -11.94 -2.60 14.30
N THR C 201 -12.11 -3.81 14.79
CA THR C 201 -11.53 -4.21 16.07
C THR C 201 -10.05 -3.92 16.14
N PRO C 202 -9.55 -3.51 17.31
CA PRO C 202 -8.12 -3.22 17.41
C PRO C 202 -7.33 -4.49 17.09
N GLU C 203 -7.99 -5.65 17.21
CA GLU C 203 -7.34 -6.92 16.88
C GLU C 203 -7.09 -6.96 15.38
N THR C 204 -8.14 -6.71 14.59
CA THR C 204 -8.01 -6.70 13.14
C THR C 204 -6.91 -5.74 12.73
N CYS C 205 -6.93 -4.55 13.31
CA CYS C 205 -5.92 -3.55 12.98
C CYS C 205 -4.54 -4.07 13.32
N LEU C 206 -4.38 -4.65 14.50
CA LEU C 206 -3.08 -5.17 14.88
C LEU C 206 -2.64 -6.19 13.82
N HIS C 207 -3.59 -6.96 13.31
CA HIS C 207 -3.30 -7.95 12.29
C HIS C 207 -2.86 -7.26 11.00
N ARG C 208 -3.69 -6.36 10.50
CA ARG C 208 -3.37 -5.65 9.28
C ARG C 208 -2.09 -4.83 9.39
N ILE C 209 -1.73 -4.42 10.62
CA ILE C 209 -0.50 -3.67 10.83
C ILE C 209 0.66 -4.59 10.46
N TYR C 210 0.47 -5.88 10.72
CA TYR C 210 1.47 -6.90 10.43
C TYR C 210 1.48 -7.20 8.93
N LEU C 211 0.30 -7.28 8.31
CA LEU C 211 0.22 -7.55 6.88
C LEU C 211 0.88 -6.42 6.09
N ARG C 212 0.63 -5.18 6.51
CA ARG C 212 1.22 -4.01 5.84
C ARG C 212 2.74 -4.11 5.96
N GLY C 213 3.25 -4.08 7.18
CA GLY C 213 4.68 -4.24 7.36
C GLY C 213 5.58 -3.08 7.65
N ARG C 214 5.06 -1.87 7.87
CA ARG C 214 5.95 -0.75 8.17
C ARG C 214 6.77 -1.10 9.43
N ASN C 215 8.08 -1.22 9.29
CA ASN C 215 8.91 -1.58 10.41
C ASN C 215 8.86 -0.65 11.61
N GLU C 216 8.38 0.58 11.42
CA GLU C 216 8.31 1.52 12.53
C GLU C 216 7.22 1.10 13.51
N GLU C 217 6.07 0.72 12.96
CA GLU C 217 4.92 0.35 13.76
C GLU C 217 4.78 -1.13 14.07
N GLN C 218 5.88 -1.87 14.02
CA GLN C 218 5.83 -3.29 14.29
C GLN C 218 5.85 -3.62 15.77
N GLY C 219 6.15 -2.63 16.59
CA GLY C 219 6.20 -2.86 18.04
C GLY C 219 4.91 -2.49 18.75
N ILE C 220 4.01 -1.87 18.01
CA ILE C 220 2.74 -1.46 18.57
C ILE C 220 2.02 -2.63 19.20
N PRO C 221 1.68 -2.52 20.49
CA PRO C 221 0.97 -3.52 21.27
C PRO C 221 -0.54 -3.33 21.13
N LEU C 222 -1.33 -4.35 21.47
CA LEU C 222 -2.77 -4.20 21.32
C LEU C 222 -3.30 -3.09 22.21
N GLU C 223 -2.79 -3.02 23.43
CA GLU C 223 -3.19 -1.98 24.37
C GLU C 223 -3.29 -0.64 23.66
N TYR C 224 -2.23 -0.29 22.91
CA TYR C 224 -2.20 0.96 22.17
C TYR C 224 -3.33 1.06 21.16
N LEU C 225 -3.39 0.11 20.23
CA LEU C 225 -4.45 0.09 19.23
C LEU C 225 -5.82 0.16 19.87
N GLU C 226 -5.93 -0.42 21.06
CA GLU C 226 -7.17 -0.42 21.81
C GLU C 226 -7.52 1.00 22.26
N LYS C 227 -6.59 1.66 22.96
CA LYS C 227 -6.81 3.02 23.46
C LYS C 227 -7.30 3.95 22.36
N LEU C 228 -6.65 3.86 21.20
CA LEU C 228 -7.02 4.67 20.04
C LEU C 228 -8.39 4.26 19.53
N HIS C 229 -8.70 2.98 19.60
CA HIS C 229 -9.98 2.49 19.13
C HIS C 229 -11.12 3.19 19.86
N TYR C 230 -11.10 3.11 21.19
CA TYR C 230 -12.11 3.73 22.02
C TYR C 230 -12.24 5.20 21.68
N LYS C 231 -11.10 5.87 21.47
CA LYS C 231 -11.09 7.28 21.13
C LYS C 231 -11.91 7.55 19.88
N HIS C 232 -11.93 6.59 18.96
CA HIS C 232 -12.70 6.74 17.76
C HIS C 232 -14.16 6.51 18.09
N GLU C 233 -14.43 5.39 18.77
CA GLU C 233 -15.78 5.03 19.17
C GLU C 233 -16.43 6.21 19.88
N SER C 234 -15.71 6.77 20.83
CA SER C 234 -16.18 7.89 21.63
C SER C 234 -16.51 9.13 20.81
N TRP C 235 -15.71 9.40 19.78
CA TRP C 235 -15.92 10.57 18.94
C TRP C 235 -16.90 10.43 17.78
N LEU C 236 -16.72 9.39 16.97
CA LEU C 236 -17.56 9.20 15.80
C LEU C 236 -18.78 8.29 15.97
N LEU C 237 -18.75 7.43 16.99
CA LEU C 237 -19.88 6.52 17.20
C LEU C 237 -20.85 7.01 18.29
N HIS C 238 -20.35 7.10 19.52
CA HIS C 238 -21.18 7.55 20.63
C HIS C 238 -21.29 9.07 20.66
N ARG C 239 -20.44 9.74 19.89
CA ARG C 239 -20.41 11.20 19.80
C ARG C 239 -20.41 11.85 21.19
N THR C 240 -19.77 11.18 22.14
CA THR C 240 -19.68 11.69 23.51
C THR C 240 -18.43 12.54 23.67
N LEU C 241 -17.53 12.48 22.69
CA LEU C 241 -16.29 13.24 22.76
C LEU C 241 -16.46 14.65 22.19
N LYS C 242 -16.32 15.64 23.08
CA LYS C 242 -16.46 17.04 22.69
C LYS C 242 -15.18 17.61 22.11
N THR C 243 -15.32 18.35 21.01
CA THR C 243 -14.17 19.00 20.36
C THR C 243 -14.28 20.50 20.62
N ASN C 244 -13.49 21.28 19.91
CA ASN C 244 -13.52 22.72 20.08
C ASN C 244 -13.85 23.31 18.72
N PHE C 245 -14.63 22.57 17.95
CA PHE C 245 -15.03 23.00 16.62
C PHE C 245 -16.52 22.76 16.44
N ASP C 246 -17.30 23.61 17.12
CA ASP C 246 -18.76 23.54 17.12
C ASP C 246 -19.46 22.88 15.95
N TYR C 247 -19.04 23.20 14.73
CA TYR C 247 -19.68 22.66 13.54
C TYR C 247 -19.62 21.13 13.37
N LEU C 248 -18.66 20.49 14.03
CA LEU C 248 -18.50 19.04 13.92
C LEU C 248 -19.68 18.26 14.47
N GLN C 249 -20.49 18.92 15.32
CA GLN C 249 -21.65 18.28 15.93
C GLN C 249 -22.72 18.01 14.88
N GLU C 250 -22.81 18.89 13.88
CA GLU C 250 -23.80 18.75 12.82
C GLU C 250 -23.22 18.17 11.53
N VAL C 251 -22.30 17.21 11.65
CA VAL C 251 -21.69 16.60 10.49
C VAL C 251 -22.13 15.18 10.28
N PRO C 252 -22.55 14.83 9.06
CA PRO C 252 -23.00 13.49 8.74
C PRO C 252 -21.87 12.48 8.97
N ILE C 253 -22.18 11.32 9.54
CA ILE C 253 -21.15 10.31 9.77
C ILE C 253 -21.57 8.90 9.41
N LEU C 254 -21.06 8.41 8.30
CA LEU C 254 -21.35 7.06 7.85
C LEU C 254 -20.36 6.11 8.51
N THR C 255 -20.85 5.04 9.12
CA THR C 255 -19.95 4.07 9.78
C THR C 255 -20.02 2.73 9.07
N LEU C 256 -18.89 2.28 8.54
CA LEU C 256 -18.85 1.00 7.84
C LEU C 256 -18.00 -0.03 8.58
N ASP C 257 -18.51 -1.26 8.71
CA ASP C 257 -17.77 -2.30 9.40
C ASP C 257 -16.80 -3.00 8.46
N VAL C 258 -15.58 -2.51 8.39
CA VAL C 258 -14.57 -3.09 7.50
C VAL C 258 -13.75 -4.22 8.14
N ASN C 259 -14.30 -4.85 9.17
CA ASN C 259 -13.60 -5.94 9.85
C ASN C 259 -13.44 -7.16 8.95
N GLU C 260 -14.36 -7.32 8.01
CA GLU C 260 -14.33 -8.47 7.12
C GLU C 260 -13.10 -8.50 6.23
N ASP C 261 -13.27 -8.04 5.00
CA ASP C 261 -12.18 -8.02 4.04
C ASP C 261 -12.73 -7.54 2.72
N PHE C 262 -12.66 -6.24 2.50
CA PHE C 262 -13.20 -5.64 1.29
C PHE C 262 -12.30 -5.68 0.03
N LYS C 263 -11.09 -6.26 0.13
CA LYS C 263 -10.22 -6.35 -1.03
C LYS C 263 -11.06 -6.88 -2.19
N ASP C 264 -11.81 -7.96 -1.92
CA ASP C 264 -12.69 -8.59 -2.91
C ASP C 264 -14.13 -8.10 -2.76
N LYS C 265 -14.84 -8.62 -1.75
CA LYS C 265 -16.22 -8.21 -1.51
C LYS C 265 -16.31 -6.80 -0.93
N TYR C 266 -16.71 -5.85 -1.74
CA TYR C 266 -16.83 -4.46 -1.32
C TYR C 266 -18.00 -3.76 -2.00
N GLU C 267 -18.70 -4.48 -2.87
CA GLU C 267 -19.84 -3.93 -3.59
C GLU C 267 -20.75 -3.23 -2.58
N SER C 268 -20.99 -3.91 -1.47
CA SER C 268 -21.83 -3.40 -0.40
C SER C 268 -21.40 -2.03 0.08
N LEU C 269 -20.22 -1.98 0.70
CA LEU C 269 -19.66 -0.73 1.21
C LEU C 269 -19.84 0.42 0.23
N VAL C 270 -19.42 0.20 -1.01
CA VAL C 270 -19.53 1.21 -2.05
C VAL C 270 -20.91 1.83 -2.18
N GLU C 271 -21.93 0.99 -2.30
CA GLU C 271 -23.29 1.49 -2.44
C GLU C 271 -23.66 2.39 -1.28
N LYS C 272 -23.29 1.99 -0.07
CA LYS C 272 -23.61 2.78 1.12
C LYS C 272 -22.94 4.15 1.06
N VAL C 273 -21.85 4.26 0.30
CA VAL C 273 -21.14 5.53 0.17
C VAL C 273 -21.86 6.42 -0.83
N LYS C 274 -22.20 5.87 -1.99
CA LYS C 274 -22.92 6.63 -3.00
C LYS C 274 -24.16 7.15 -2.29
N GLU C 275 -24.78 6.26 -1.55
CA GLU C 275 -25.98 6.55 -0.77
C GLU C 275 -25.72 7.78 0.10
N PHE C 276 -24.76 7.63 1.00
CA PHE C 276 -24.35 8.67 1.94
C PHE C 276 -24.00 10.00 1.28
N LEU C 277 -23.29 9.93 0.16
CA LEU C 277 -22.88 11.14 -0.55
C LEU C 277 -24.03 11.90 -1.16
N SER C 278 -25.09 11.19 -1.54
CA SER C 278 -26.26 11.82 -2.13
C SER C 278 -26.91 12.74 -1.12
N THR C 279 -27.04 12.24 0.10
CA THR C 279 -27.65 12.96 1.21
C THR C 279 -26.85 14.17 1.69
N LEU C 280 -25.91 14.63 0.87
CA LEU C 280 -25.08 15.77 1.24
C LEU C 280 -25.32 16.96 0.30
N ARG D 40 -0.69 49.24 5.00
CA ARG D 40 -0.47 50.70 4.73
C ARG D 40 0.46 51.29 5.79
N ILE D 41 0.67 50.51 6.84
CA ILE D 41 1.53 50.91 7.96
C ILE D 41 2.97 50.52 7.70
N LYS D 42 3.90 51.40 8.03
CA LYS D 42 5.30 51.10 7.83
C LYS D 42 5.79 50.30 9.03
N LYS D 43 6.36 49.12 8.74
CA LYS D 43 6.85 48.20 9.77
C LYS D 43 8.38 48.18 9.90
N ILE D 44 8.88 48.77 10.98
CA ILE D 44 10.30 48.81 11.23
C ILE D 44 10.62 47.74 12.29
N SER D 45 11.71 47.01 12.10
CA SER D 45 12.09 45.97 13.06
C SER D 45 13.27 46.43 13.89
N ILE D 46 13.20 46.22 15.20
CA ILE D 46 14.30 46.63 16.06
C ILE D 46 15.13 45.41 16.49
N GLU D 47 16.17 45.14 15.73
CA GLU D 47 17.05 44.02 15.98
C GLU D 47 18.14 44.34 16.99
N GLY D 48 18.60 43.31 17.69
CA GLY D 48 19.64 43.49 18.67
C GLY D 48 19.91 42.18 19.36
N ASN D 49 20.89 42.18 20.25
CA ASN D 49 21.24 41.00 21.00
C ASN D 49 20.31 40.91 22.22
N ILE D 50 20.70 40.07 23.17
CA ILE D 50 19.92 39.88 24.38
C ILE D 50 20.27 41.02 25.33
N ALA D 51 19.25 41.60 25.94
CA ALA D 51 19.43 42.69 26.88
C ALA D 51 20.24 43.81 26.28
N ALA D 52 20.22 43.92 24.95
CA ALA D 52 20.95 44.98 24.29
C ALA D 52 20.25 46.31 24.61
N GLY D 53 18.92 46.32 24.52
CA GLY D 53 18.20 47.54 24.83
C GLY D 53 17.08 47.94 23.89
N LYS D 54 16.53 47.00 23.13
CA LYS D 54 15.43 47.31 22.22
C LYS D 54 14.28 47.93 23.01
N SER D 55 13.65 47.13 23.86
CA SER D 55 12.55 47.60 24.69
C SER D 55 12.86 49.00 25.21
N THR D 56 13.87 49.09 26.07
CA THR D 56 14.28 50.36 26.64
C THR D 56 14.25 51.46 25.58
N PHE D 57 14.85 51.18 24.45
CA PHE D 57 14.93 52.13 23.33
C PHE D 57 13.58 52.45 22.71
N VAL D 58 12.86 51.42 22.30
CA VAL D 58 11.58 51.63 21.65
C VAL D 58 10.57 52.33 22.55
N ASN D 59 10.70 52.16 23.86
CA ASN D 59 9.78 52.82 24.81
C ASN D 59 9.95 54.33 24.74
N ILE D 60 11.17 54.76 24.45
CA ILE D 60 11.47 56.18 24.32
C ILE D 60 10.82 56.63 23.03
N LEU D 61 10.93 55.81 21.99
CA LEU D 61 10.33 56.14 20.71
C LEU D 61 8.80 56.14 20.82
N LYS D 62 8.24 55.10 21.44
CA LYS D 62 6.81 54.94 21.60
C LYS D 62 6.10 56.22 22.03
N GLN D 63 6.70 56.94 22.98
CA GLN D 63 6.10 58.16 23.47
C GLN D 63 6.72 59.43 22.88
N LEU D 64 6.76 59.50 21.56
CA LEU D 64 7.31 60.66 20.86
C LEU D 64 6.39 60.89 19.68
N CYS D 65 5.24 60.23 19.73
CA CYS D 65 4.23 60.33 18.67
C CYS D 65 3.16 59.27 18.87
N GLU D 66 1.89 59.66 18.73
CA GLU D 66 0.78 58.72 18.90
C GLU D 66 0.43 57.99 17.60
N ASP D 67 1.39 57.92 16.69
CA ASP D 67 1.20 57.23 15.41
C ASP D 67 2.28 56.15 15.33
N TRP D 68 2.93 55.94 16.46
CA TRP D 68 3.99 54.95 16.63
C TRP D 68 3.60 53.97 17.73
N GLU D 69 3.28 52.73 17.32
CA GLU D 69 2.90 51.69 18.28
C GLU D 69 3.95 50.58 18.22
N VAL D 70 4.21 49.95 19.36
CA VAL D 70 5.20 48.89 19.46
C VAL D 70 4.60 47.49 19.62
N VAL D 71 5.31 46.48 19.15
CA VAL D 71 4.86 45.08 19.27
C VAL D 71 5.95 44.30 19.99
N PRO D 72 6.00 44.40 21.33
CA PRO D 72 6.99 43.72 22.17
C PRO D 72 7.11 42.22 21.93
N GLU D 73 8.29 41.68 22.21
CA GLU D 73 8.51 40.25 22.06
C GLU D 73 7.63 39.60 23.11
N PRO D 74 6.82 38.58 22.73
CA PRO D 74 5.94 37.90 23.69
C PRO D 74 6.66 37.08 24.76
N VAL D 75 7.80 37.57 25.23
CA VAL D 75 8.58 36.87 26.24
C VAL D 75 7.70 36.54 27.43
N ALA D 76 6.81 37.46 27.76
CA ALA D 76 5.91 37.28 28.89
C ALA D 76 5.26 35.90 28.85
N ARG D 77 4.69 35.54 27.70
CA ARG D 77 4.01 34.27 27.53
C ARG D 77 4.95 33.08 27.40
N TRP D 78 6.20 33.34 27.03
CA TRP D 78 7.17 32.26 26.91
C TRP D 78 7.55 31.79 28.32
N CYS D 79 7.28 32.65 29.30
CA CYS D 79 7.59 32.35 30.69
C CYS D 79 6.38 31.86 31.45
N ASN D 80 5.30 31.58 30.74
CA ASN D 80 4.11 31.10 31.40
C ASN D 80 3.11 30.65 30.35
N VAL D 81 3.36 29.49 29.79
CA VAL D 81 2.51 28.90 28.77
C VAL D 81 1.05 28.69 29.24
N GLN D 82 0.11 29.30 28.51
CA GLN D 82 -1.33 29.21 28.78
C GLN D 82 -1.95 29.43 27.40
N SER D 83 -3.26 29.70 27.31
CA SER D 83 -3.86 29.91 25.98
C SER D 83 -4.62 31.22 25.76
N ASN D 97 -0.24 30.40 35.67
CA ASN D 97 0.44 29.39 36.47
C ASN D 97 0.90 28.16 35.65
N GLY D 98 1.30 28.40 34.39
CA GLY D 98 1.76 27.34 33.51
C GLY D 98 3.27 27.20 33.47
N GLY D 99 3.76 26.24 32.69
CA GLY D 99 5.20 26.03 32.58
C GLY D 99 6.00 27.17 31.96
N ASN D 100 7.29 27.24 32.30
CA ASN D 100 8.16 28.29 31.80
C ASN D 100 9.14 27.75 30.74
N VAL D 101 8.62 27.55 29.53
CA VAL D 101 9.41 26.99 28.43
C VAL D 101 10.70 27.73 28.12
N LEU D 102 10.80 29.02 28.48
CA LEU D 102 12.03 29.74 28.22
C LEU D 102 13.10 29.08 29.07
N GLN D 103 12.78 28.84 30.33
CA GLN D 103 13.72 28.23 31.24
C GLN D 103 14.07 26.80 30.84
N MET D 104 13.10 26.06 30.33
CA MET D 104 13.33 24.68 29.92
C MET D 104 14.43 24.64 28.87
N MET D 105 14.39 25.58 27.94
CA MET D 105 15.39 25.63 26.91
C MET D 105 16.77 25.86 27.50
N TYR D 106 16.86 26.76 28.45
CA TYR D 106 18.13 27.07 29.07
C TYR D 106 18.68 25.94 29.91
N GLU D 107 17.81 25.23 30.61
CA GLU D 107 18.25 24.13 31.45
C GLU D 107 18.67 22.92 30.65
N LYS D 108 17.90 22.58 29.61
CA LYS D 108 18.24 21.42 28.78
C LYS D 108 18.00 21.76 27.31
N PRO D 109 18.92 22.56 26.73
CA PRO D 109 18.84 22.98 25.34
C PRO D 109 18.71 21.84 24.34
N GLU D 110 19.54 20.80 24.47
CA GLU D 110 19.47 19.69 23.53
C GLU D 110 18.12 18.97 23.55
N ARG D 111 17.20 19.44 24.39
CA ARG D 111 15.87 18.83 24.52
C ARG D 111 14.70 19.76 24.26
N TRP D 112 14.83 21.02 24.65
CA TRP D 112 13.73 21.96 24.45
C TRP D 112 13.91 23.06 23.40
N SER D 113 15.09 23.15 22.80
CA SER D 113 15.37 24.15 21.80
C SER D 113 14.31 24.13 20.70
N PHE D 114 14.05 22.96 20.14
CA PHE D 114 13.04 22.86 19.10
C PHE D 114 11.72 23.41 19.59
N THR D 115 11.14 22.77 20.60
CA THR D 115 9.85 23.20 21.13
C THR D 115 9.82 24.70 21.33
N PHE D 116 10.77 25.22 22.12
CA PHE D 116 10.83 26.65 22.39
C PHE D 116 10.87 27.48 21.12
N GLN D 117 11.91 27.26 20.34
CA GLN D 117 12.11 27.98 19.11
C GLN D 117 10.88 28.02 18.19
N THR D 118 10.12 26.94 18.18
CA THR D 118 8.93 26.84 17.35
C THR D 118 7.88 27.73 17.96
N TYR D 119 7.62 27.51 19.24
CA TYR D 119 6.62 28.30 19.95
C TYR D 119 6.91 29.79 19.90
N ALA D 120 8.17 30.15 20.15
CA ALA D 120 8.62 31.53 20.17
C ALA D 120 8.33 32.27 18.88
N CYS D 121 8.58 31.63 17.76
CA CYS D 121 8.35 32.26 16.47
C CYS D 121 6.86 32.37 16.17
N LEU D 122 6.09 31.36 16.53
CA LEU D 122 4.65 31.38 16.29
C LEU D 122 4.06 32.55 17.04
N SER D 123 4.28 32.53 18.35
CA SER D 123 3.79 33.55 19.27
C SER D 123 4.09 34.94 18.75
N ARG D 124 5.19 35.07 18.00
CA ARG D 124 5.57 36.35 17.44
C ARG D 124 4.69 36.64 16.22
N ILE D 125 4.62 35.71 15.27
CA ILE D 125 3.82 35.92 14.08
C ILE D 125 2.42 36.37 14.49
N ARG D 126 1.84 35.70 15.49
CA ARG D 126 0.52 36.07 15.96
C ARG D 126 0.55 37.50 16.49
N ALA D 127 1.35 37.71 17.52
CA ALA D 127 1.48 39.01 18.13
C ALA D 127 1.61 40.15 17.11
N GLN D 128 2.36 39.92 16.04
CA GLN D 128 2.56 40.95 15.03
C GLN D 128 1.34 41.08 14.11
N LEU D 129 0.84 39.97 13.58
CA LEU D 129 -0.33 40.03 12.73
C LEU D 129 -1.46 40.71 13.48
N ALA D 130 -1.53 40.42 14.77
CA ALA D 130 -2.54 40.99 15.66
C ALA D 130 -2.44 42.52 15.65
N SER D 131 -1.26 43.04 15.95
CA SER D 131 -1.07 44.48 15.99
C SER D 131 -1.39 45.18 14.69
N LEU D 132 -1.33 44.45 13.59
CA LEU D 132 -1.64 45.05 12.29
C LEU D 132 -3.10 45.49 12.17
N ASN D 133 -3.94 45.06 13.09
CA ASN D 133 -5.35 45.42 13.06
C ASN D 133 -5.71 46.40 14.16
N GLY D 134 -4.70 46.94 14.83
CA GLY D 134 -4.94 47.88 15.91
C GLY D 134 -5.49 49.20 15.39
N LYS D 135 -5.96 50.04 16.30
CA LYS D 135 -6.52 51.35 15.92
C LYS D 135 -5.47 52.21 15.22
N LEU D 136 -4.24 51.70 15.15
CA LEU D 136 -3.15 52.41 14.49
C LEU D 136 -3.41 52.44 12.99
N LYS D 137 -4.11 51.41 12.51
CA LYS D 137 -4.45 51.27 11.10
C LYS D 137 -5.17 52.50 10.54
N ASP D 138 -5.65 53.37 11.42
CA ASP D 138 -6.39 54.56 11.01
C ASP D 138 -5.61 55.86 10.88
N ALA D 139 -4.75 56.15 11.84
CA ALA D 139 -3.96 57.39 11.82
C ALA D 139 -3.34 57.72 10.44
N GLU D 140 -2.79 58.93 10.32
CA GLU D 140 -2.20 59.39 9.06
C GLU D 140 -0.90 58.69 8.64
N LYS D 141 0.20 59.01 9.31
CA LYS D 141 1.50 58.41 9.01
C LYS D 141 1.82 57.47 10.17
N PRO D 142 1.39 56.19 10.07
CA PRO D 142 1.60 55.15 11.08
C PRO D 142 2.92 54.42 10.98
N VAL D 143 3.46 54.01 12.12
CA VAL D 143 4.70 53.26 12.18
C VAL D 143 4.57 52.21 13.27
N LEU D 144 4.88 50.96 12.92
CA LEU D 144 4.77 49.88 13.88
C LEU D 144 6.17 49.26 14.09
N PHE D 145 6.71 49.45 15.29
CA PHE D 145 8.03 48.91 15.63
C PHE D 145 7.94 47.51 16.23
N PHE D 146 8.68 46.57 15.65
CA PHE D 146 8.70 45.18 16.10
C PHE D 146 9.92 44.91 16.95
N GLU D 147 9.73 44.29 18.11
CA GLU D 147 10.88 43.96 18.94
C GLU D 147 11.33 42.60 18.39
N ARG D 148 12.31 42.61 17.48
CA ARG D 148 12.84 41.41 16.82
C ARG D 148 11.86 40.89 15.77
N SER D 149 12.38 40.26 14.71
CA SER D 149 11.55 39.72 13.63
C SER D 149 11.72 38.22 13.46
N VAL D 150 10.75 37.59 12.78
CA VAL D 150 10.79 36.16 12.50
C VAL D 150 12.10 35.77 11.82
N TYR D 151 12.76 36.75 11.21
CA TYR D 151 14.00 36.52 10.52
C TYR D 151 15.11 36.25 11.50
N SER D 152 15.25 37.09 12.51
CA SER D 152 16.30 36.87 13.50
C SER D 152 15.99 35.65 14.35
N ASP D 153 14.72 35.27 14.44
CA ASP D 153 14.32 34.10 15.22
C ASP D 153 15.00 32.89 14.63
N ARG D 154 14.80 32.71 13.32
CA ARG D 154 15.34 31.60 12.56
C ARG D 154 16.80 31.71 12.19
N TYR D 155 17.21 32.85 11.66
CA TYR D 155 18.57 33.02 11.23
C TYR D 155 19.58 33.34 12.30
N ILE D 156 19.16 33.88 13.44
CA ILE D 156 20.09 34.19 14.51
C ILE D 156 20.10 33.13 15.62
N PHE D 157 18.95 32.97 16.27
CA PHE D 157 18.84 32.03 17.38
C PHE D 157 18.67 30.56 17.04
N ALA D 158 17.58 30.23 16.36
CA ALA D 158 17.31 28.86 15.96
C ALA D 158 18.57 28.35 15.27
N SER D 159 18.97 29.09 14.24
CA SER D 159 20.15 28.77 13.46
C SER D 159 21.29 28.43 14.39
N ASN D 160 21.67 29.38 15.23
CA ASN D 160 22.76 29.16 16.16
C ASN D 160 22.58 27.97 17.11
N LEU D 161 21.35 27.67 17.48
CA LEU D 161 21.12 26.55 18.37
C LEU D 161 21.42 25.27 17.59
N TYR D 162 21.07 25.29 16.32
CA TYR D 162 21.32 24.14 15.46
C TYR D 162 22.82 23.92 15.37
N GLU D 163 23.55 24.99 15.08
CA GLU D 163 24.99 24.91 14.95
C GLU D 163 25.64 24.50 16.26
N SER D 164 24.98 24.79 17.38
CA SER D 164 25.50 24.44 18.71
C SER D 164 25.10 23.01 19.03
N GLU D 165 24.63 22.28 18.02
CA GLU D 165 24.21 20.90 18.17
C GLU D 165 23.10 20.70 19.20
N CYS D 166 22.21 21.69 19.31
CA CYS D 166 21.08 21.62 20.23
C CYS D 166 19.80 21.24 19.49
N MET D 167 19.93 20.98 18.20
CA MET D 167 18.82 20.58 17.35
C MET D 167 19.33 19.56 16.35
N ASN D 168 18.88 18.31 16.47
CA ASN D 168 19.35 17.27 15.54
C ASN D 168 18.87 17.63 14.14
N GLU D 169 19.42 16.97 13.12
CA GLU D 169 19.04 17.25 11.74
C GLU D 169 17.54 17.41 11.57
N THR D 170 16.79 16.36 11.93
CA THR D 170 15.35 16.34 11.83
C THR D 170 14.67 17.59 12.40
N GLU D 171 15.05 17.99 13.62
CA GLU D 171 14.46 19.17 14.25
C GLU D 171 14.72 20.41 13.41
N TRP D 172 15.95 20.58 12.97
CA TRP D 172 16.31 21.73 12.16
C TRP D 172 15.62 21.72 10.80
N THR D 173 15.42 20.53 10.24
CA THR D 173 14.77 20.44 8.93
C THR D 173 13.31 20.81 9.08
N ILE D 174 12.67 20.23 10.09
CA ILE D 174 11.27 20.50 10.35
C ILE D 174 11.09 21.98 10.66
N TYR D 175 11.95 22.50 11.53
CA TYR D 175 11.89 23.91 11.90
C TYR D 175 11.89 24.82 10.70
N GLN D 176 12.83 24.57 9.78
CA GLN D 176 12.92 25.41 8.60
C GLN D 176 11.68 25.26 7.72
N ASP D 177 11.34 24.01 7.39
CA ASP D 177 10.19 23.70 6.55
C ASP D 177 8.96 24.43 7.05
N TRP D 178 8.73 24.38 8.35
CA TRP D 178 7.60 25.03 8.98
C TRP D 178 7.73 26.55 8.82
N HIS D 179 8.86 27.07 9.26
CA HIS D 179 9.13 28.50 9.18
C HIS D 179 8.91 29.04 7.79
N ASP D 180 9.31 28.29 6.77
CA ASP D 180 9.12 28.74 5.40
C ASP D 180 7.64 28.84 5.05
N TRP D 181 6.92 27.72 5.19
CA TRP D 181 5.49 27.71 4.88
C TRP D 181 4.75 28.79 5.68
N MET D 182 5.18 29.02 6.91
CA MET D 182 4.55 30.02 7.76
C MET D 182 4.61 31.41 7.16
N ASN D 183 5.78 31.82 6.70
CA ASN D 183 5.91 33.16 6.12
C ASN D 183 5.50 33.19 4.66
N ASN D 184 4.77 32.17 4.24
CA ASN D 184 4.31 32.11 2.86
C ASN D 184 2.78 32.21 2.88
N GLN D 185 2.22 32.10 4.07
CA GLN D 185 0.79 32.19 4.24
C GLN D 185 0.44 33.53 4.85
N PHE D 186 1.36 34.09 5.61
CA PHE D 186 1.13 35.38 6.25
C PHE D 186 2.31 36.29 5.95
N GLY D 187 3.08 35.94 4.93
CA GLY D 187 4.23 36.76 4.59
C GLY D 187 3.81 38.18 4.28
N GLN D 188 3.18 38.36 3.13
CA GLN D 188 2.70 39.67 2.67
C GLN D 188 2.61 40.72 3.79
N SER D 189 1.70 40.45 4.72
CA SER D 189 1.42 41.33 5.86
C SER D 189 2.62 41.83 6.68
N LEU D 190 3.53 40.92 7.03
CA LEU D 190 4.65 41.28 7.88
C LEU D 190 5.96 41.69 7.23
N GLU D 191 6.01 41.83 5.91
CA GLU D 191 7.27 42.22 5.28
C GLU D 191 7.74 43.54 5.87
N LEU D 192 9.02 43.62 6.20
CA LEU D 192 9.58 44.82 6.81
C LEU D 192 9.83 45.94 5.81
N ASP D 193 9.82 47.18 6.31
CA ASP D 193 10.05 48.36 5.49
C ASP D 193 11.38 48.98 5.93
N GLY D 194 11.92 48.43 7.01
CA GLY D 194 13.18 48.92 7.55
C GLY D 194 13.60 48.11 8.76
N ILE D 195 14.86 48.23 9.13
CA ILE D 195 15.40 47.52 10.30
C ILE D 195 16.37 48.43 11.06
N ILE D 196 16.26 48.43 12.37
CA ILE D 196 17.17 49.24 13.18
C ILE D 196 17.95 48.30 14.07
N TYR D 197 19.24 48.19 13.79
CA TYR D 197 20.13 47.31 14.52
C TYR D 197 20.78 48.02 15.70
N LEU D 198 20.36 47.66 16.90
CA LEU D 198 20.93 48.24 18.11
C LEU D 198 22.17 47.40 18.41
N GLN D 199 23.32 47.93 17.99
CA GLN D 199 24.58 47.24 18.16
C GLN D 199 25.18 47.44 19.54
N ALA D 200 25.77 46.38 20.09
CA ALA D 200 26.39 46.47 21.41
C ALA D 200 27.23 45.24 21.69
N THR D 201 28.41 45.47 22.28
CA THR D 201 29.34 44.40 22.62
C THR D 201 28.66 43.30 23.42
N PRO D 202 29.03 42.04 23.17
CA PRO D 202 28.42 40.96 23.94
C PRO D 202 28.71 41.18 25.43
N GLU D 203 29.77 41.93 25.72
CA GLU D 203 30.12 42.24 27.10
C GLU D 203 29.03 43.12 27.70
N THR D 204 28.70 44.21 27.00
CA THR D 204 27.65 45.12 27.48
C THR D 204 26.37 44.35 27.69
N CYS D 205 26.02 43.49 26.73
CA CYS D 205 24.81 42.71 26.84
C CYS D 205 24.86 41.81 28.05
N LEU D 206 25.99 41.14 28.25
CA LEU D 206 26.13 40.27 29.40
C LEU D 206 25.88 41.07 30.65
N HIS D 207 26.34 42.33 30.65
CA HIS D 207 26.16 43.20 31.80
C HIS D 207 24.69 43.55 31.97
N ARG D 208 24.06 44.06 30.92
CA ARG D 208 22.66 44.42 31.00
C ARG D 208 21.77 43.23 31.30
N ILE D 209 22.23 42.02 30.97
CA ILE D 209 21.46 40.81 31.26
C ILE D 209 21.36 40.67 32.76
N TYR D 210 22.42 41.12 33.44
CA TYR D 210 22.51 41.07 34.89
C TYR D 210 21.68 42.19 35.50
N LEU D 211 21.72 43.38 34.89
CA LEU D 211 20.95 44.50 35.40
C LEU D 211 19.47 44.19 35.28
N ARG D 212 19.06 43.60 34.16
CA ARG D 212 17.66 43.24 33.95
C ARG D 212 17.26 42.25 35.05
N GLY D 213 17.89 41.09 35.06
CA GLY D 213 17.59 40.14 36.12
C GLY D 213 16.71 38.93 35.87
N ARG D 214 16.32 38.63 34.64
CA ARG D 214 15.48 37.44 34.42
C ARG D 214 16.26 36.22 34.88
N ASN D 215 15.75 35.54 35.91
CA ASN D 215 16.45 34.37 36.45
C ASN D 215 16.70 33.25 35.46
N GLU D 216 15.98 33.21 34.35
CA GLU D 216 16.19 32.15 33.38
C GLU D 216 17.51 32.33 32.63
N GLU D 217 17.80 33.57 32.24
CA GLU D 217 18.99 33.88 31.48
C GLU D 217 20.19 34.33 32.31
N GLN D 218 20.21 33.94 33.58
CA GLN D 218 21.33 34.33 34.46
C GLN D 218 22.54 33.42 34.30
N GLY D 219 22.36 32.31 33.60
CA GLY D 219 23.47 31.40 33.41
C GLY D 219 24.19 31.58 32.09
N ILE D 220 23.63 32.45 31.25
CA ILE D 220 24.21 32.71 29.95
C ILE D 220 25.64 33.18 30.07
N PRO D 221 26.57 32.46 29.43
CA PRO D 221 28.01 32.76 29.42
C PRO D 221 28.32 33.72 28.28
N LEU D 222 29.46 34.41 28.34
CA LEU D 222 29.79 35.34 27.27
C LEU D 222 29.87 34.64 25.91
N GLU D 223 30.49 33.45 25.89
CA GLU D 223 30.63 32.67 24.66
C GLU D 223 29.32 32.71 23.88
N TYR D 224 28.21 32.43 24.56
CA TYR D 224 26.89 32.43 23.95
C TYR D 224 26.57 33.79 23.36
N LEU D 225 26.53 34.81 24.22
CA LEU D 225 26.25 36.17 23.78
C LEU D 225 27.13 36.56 22.59
N GLU D 226 28.36 36.04 22.59
CA GLU D 226 29.32 36.32 21.54
C GLU D 226 28.86 35.70 20.23
N LYS D 227 28.57 34.40 20.26
CA LYS D 227 28.14 33.69 19.06
C LYS D 227 26.96 34.38 18.40
N LEU D 228 26.00 34.82 19.21
CA LEU D 228 24.82 35.51 18.73
C LEU D 228 25.19 36.88 18.18
N HIS D 229 26.18 37.50 18.79
CA HIS D 229 26.64 38.81 18.36
C HIS D 229 27.10 38.78 16.91
N TYR D 230 28.04 37.88 16.63
CA TYR D 230 28.58 37.71 15.27
C TYR D 230 27.46 37.44 14.28
N LYS D 231 26.49 36.63 14.68
CA LYS D 231 25.35 36.31 13.84
C LYS D 231 24.62 37.59 13.42
N HIS D 232 24.61 38.57 14.30
CA HIS D 232 23.97 39.83 13.99
C HIS D 232 24.88 40.63 13.06
N GLU D 233 26.14 40.76 13.44
CA GLU D 233 27.12 41.46 12.63
C GLU D 233 27.11 40.93 11.20
N SER D 234 27.11 39.60 11.08
CA SER D 234 27.12 38.94 9.79
C SER D 234 25.89 39.25 8.95
N TRP D 235 24.74 39.34 9.58
CA TRP D 235 23.49 39.60 8.87
C TRP D 235 23.13 41.06 8.57
N LEU D 236 23.16 41.89 9.59
CA LEU D 236 22.80 43.29 9.47
C LEU D 236 23.93 44.28 9.19
N LEU D 237 25.17 43.91 9.52
CA LEU D 237 26.28 44.82 9.30
C LEU D 237 27.05 44.51 8.03
N HIS D 238 27.67 43.32 7.99
CA HIS D 238 28.45 42.90 6.82
C HIS D 238 27.55 42.38 5.70
N ARG D 239 26.29 42.11 6.05
CA ARG D 239 25.30 41.60 5.11
C ARG D 239 25.82 40.40 4.31
N THR D 240 26.68 39.61 4.93
CA THR D 240 27.25 38.44 4.28
C THR D 240 26.39 37.21 4.55
N LEU D 241 25.43 37.34 5.46
CA LEU D 241 24.55 36.23 5.81
C LEU D 241 23.34 36.19 4.88
N LYS D 242 23.25 35.12 4.09
CA LYS D 242 22.15 34.94 3.14
C LYS D 242 20.93 34.30 3.80
N THR D 243 19.75 34.85 3.51
CA THR D 243 18.49 34.32 4.03
C THR D 243 17.76 33.65 2.87
N ASN D 244 16.50 33.35 3.08
CA ASN D 244 15.71 32.71 2.04
C ASN D 244 14.52 33.61 1.77
N PHE D 245 14.74 34.91 1.93
CA PHE D 245 13.70 35.90 1.71
C PHE D 245 14.25 37.05 0.88
N ASP D 246 14.47 36.77 -0.39
CA ASP D 246 15.02 37.70 -1.37
C ASP D 246 14.89 39.19 -1.09
N TYR D 247 13.70 39.63 -0.68
CA TYR D 247 13.47 41.05 -0.45
C TYR D 247 14.29 41.71 0.67
N LEU D 248 14.80 40.91 1.60
CA LEU D 248 15.60 41.43 2.71
C LEU D 248 16.90 42.08 2.26
N GLN D 249 17.33 41.76 1.04
CA GLN D 249 18.58 42.31 0.51
C GLN D 249 18.41 43.81 0.23
N GLU D 250 17.21 44.20 -0.18
CA GLU D 250 16.93 45.61 -0.47
C GLU D 250 16.20 46.35 0.67
N VAL D 251 16.59 46.05 1.91
CA VAL D 251 15.94 46.69 3.05
C VAL D 251 16.87 47.64 3.75
N PRO D 252 16.40 48.86 4.01
CA PRO D 252 17.18 49.89 4.70
C PRO D 252 17.57 49.41 6.10
N ILE D 253 18.83 49.65 6.50
CA ILE D 253 19.25 49.22 7.82
C ILE D 253 20.06 50.28 8.58
N LEU D 254 19.41 50.90 9.56
CA LEU D 254 20.06 51.90 10.38
C LEU D 254 20.77 51.18 11.54
N THR D 255 22.05 51.48 11.76
CA THR D 255 22.78 50.84 12.85
C THR D 255 23.17 51.86 13.91
N LEU D 256 22.69 51.68 15.13
CA LEU D 256 23.00 52.61 16.21
C LEU D 256 23.86 51.96 17.30
N ASP D 257 24.91 52.66 17.73
CA ASP D 257 25.77 52.12 18.76
C ASP D 257 25.22 52.43 20.16
N VAL D 258 24.43 51.50 20.68
CA VAL D 258 23.82 51.69 22.00
C VAL D 258 24.70 51.18 23.16
N ASN D 259 26.00 51.05 22.93
CA ASN D 259 26.90 50.57 23.98
C ASN D 259 27.00 51.54 25.14
N GLU D 260 26.78 52.82 24.86
CA GLU D 260 26.87 53.85 25.88
C GLU D 260 25.85 53.69 26.98
N ASP D 261 24.78 54.46 26.90
CA ASP D 261 23.73 54.41 27.90
C ASP D 261 22.73 55.48 27.54
N PHE D 262 21.73 55.10 26.75
CA PHE D 262 20.71 56.04 26.31
C PHE D 262 19.55 56.32 27.28
N LYS D 263 19.56 55.72 28.48
CA LYS D 263 18.49 55.99 29.45
C LYS D 263 18.34 57.51 29.55
N ASP D 264 19.48 58.21 29.68
CA ASP D 264 19.52 59.66 29.76
C ASP D 264 19.84 60.27 28.39
N LYS D 265 21.10 60.24 27.98
CA LYS D 265 21.50 60.80 26.70
C LYS D 265 21.03 59.92 25.55
N TYR D 266 19.99 60.37 24.84
CA TYR D 266 19.45 59.62 23.69
C TYR D 266 18.96 60.55 22.59
N GLU D 267 19.07 61.85 22.82
CA GLU D 267 18.64 62.86 21.85
C GLU D 267 19.20 62.48 20.49
N SER D 268 20.49 62.15 20.48
CA SER D 268 21.20 61.76 19.28
C SER D 268 20.50 60.63 18.53
N LEU D 269 20.45 59.46 19.16
CA LEU D 269 19.82 58.27 18.58
C LEU D 269 18.51 58.62 17.95
N VAL D 270 17.64 59.27 18.71
CA VAL D 270 16.32 59.66 18.22
C VAL D 270 16.33 60.40 16.88
N GLU D 271 17.16 61.42 16.77
CA GLU D 271 17.21 62.18 15.53
C GLU D 271 17.58 61.30 14.35
N LYS D 272 18.53 60.39 14.55
CA LYS D 272 18.96 59.47 13.49
C LYS D 272 17.81 58.57 13.05
N VAL D 273 16.84 58.36 13.93
CA VAL D 273 15.71 57.52 13.58
C VAL D 273 14.72 58.31 12.76
N LYS D 274 14.38 59.52 13.22
CA LYS D 274 13.45 60.37 12.48
C LYS D 274 14.04 60.49 11.07
N GLU D 275 15.35 60.70 11.04
CA GLU D 275 16.13 60.84 9.82
C GLU D 275 15.85 59.63 8.95
N PHE D 276 16.22 58.45 9.46
CA PHE D 276 16.05 57.16 8.79
C PHE D 276 14.63 56.87 8.31
N LEU D 277 13.65 57.21 9.14
CA LEU D 277 12.25 56.98 8.81
C LEU D 277 11.76 57.84 7.65
N SER D 278 12.33 59.03 7.51
CA SER D 278 11.94 59.94 6.44
C SER D 278 12.29 59.30 5.09
N THR D 279 13.49 58.75 5.02
CA THR D 279 14.01 58.12 3.82
C THR D 279 13.28 56.83 3.43
N LEU D 280 12.10 56.61 4.01
CA LEU D 280 11.33 55.41 3.70
C LEU D 280 10.03 55.75 2.98
MG MG E . -16.86 -38.69 -27.15
N1 UDP F . -24.08 -46.43 -29.95
C2 UDP F . -24.87 -47.41 -30.47
N3 UDP F . -26.20 -47.23 -30.60
C4 UDP F . -26.79 -46.04 -30.22
C5 UDP F . -25.98 -45.01 -29.67
C6 UDP F . -24.65 -45.21 -29.55
O2 UDP F . -24.37 -48.47 -30.81
O4 UDP F . -27.98 -45.88 -30.33
C1' UDP F . -22.63 -46.63 -29.82
C2' UDP F . -21.94 -46.47 -31.19
O2' UDP F . -21.67 -47.77 -31.78
C3' UDP F . -20.64 -45.75 -30.87
C4' UDP F . -20.69 -45.52 -29.35
O4' UDP F . -22.08 -45.63 -28.99
O3' UDP F . -19.50 -46.57 -31.22
C5' UDP F . -20.18 -44.15 -29.03
O5' UDP F . -20.35 -43.93 -27.69
PA UDP F . -19.95 -42.42 -27.41
O1A UDP F . -18.53 -42.20 -27.79
O2A UDP F . -20.89 -41.45 -28.29
O3A UDP F . -20.16 -42.09 -25.82
PB UDP F . -19.74 -40.52 -25.57
O1B UDP F . -18.27 -40.31 -26.04
O2B UDP F . -19.91 -40.13 -24.17
O3B UDP F . -20.68 -39.60 -26.47
O5' D5M G . -14.84 -40.49 -22.19
C5' D5M G . -14.87 -41.27 -21.04
C4' D5M G . -13.48 -41.78 -20.75
O4' D5M G . -12.55 -40.71 -20.52
C3' D5M G . -13.48 -42.67 -19.52
O3' D5M G . -12.61 -43.78 -19.73
C2' D5M G . -12.96 -41.79 -18.38
C1' D5M G . -12.35 -40.62 -19.11
N9 D5M G . -12.82 -39.36 -18.60
C8 D5M G . -13.56 -38.42 -19.24
N7 D5M G . -13.75 -37.39 -18.46
C5 D5M G . -13.13 -37.62 -17.29
C6 D5M G . -12.95 -36.88 -16.10
N6 D5M G . -13.50 -35.64 -15.97
N1 D5M G . -12.23 -37.45 -15.10
C2 D5M G . -11.69 -38.66 -15.22
N3 D5M G . -11.82 -39.37 -16.33
C4 D5M G . -12.52 -38.89 -17.36
P D5M G . -16.35 -40.01 -22.43
O1P D5M G . -16.81 -39.20 -21.27
O3P D5M G . -17.30 -41.28 -22.63
O2P D5M G . -16.39 -39.12 -23.75
MG MG H . 11.28 -16.44 1.78
N1 UDP I . 20.59 -14.26 7.02
C2 UDP I . 21.73 -14.12 7.74
N3 UDP I . 22.64 -13.15 7.42
C4 UDP I . 22.41 -12.30 6.34
C5 UDP I . 21.22 -12.45 5.58
C6 UDP I . 20.32 -13.44 5.92
O2 UDP I . 21.94 -14.85 8.70
O4 UDP I . 23.22 -11.45 6.04
C1' UDP I . 19.62 -15.32 7.38
C2' UDP I . 18.63 -14.79 8.46
O2' UDP I . 19.02 -15.25 9.78
C3' UDP I . 17.29 -15.37 8.05
C4' UDP I . 17.58 -16.17 6.78
O4' UDP I . 18.82 -15.65 6.26
O3' UDP I . 16.78 -16.23 9.09
C5' UDP I . 16.49 -15.95 5.78
O5' UDP I . 16.84 -16.57 4.61
PA UDP I . 15.74 -16.16 3.52
O1A UDP I . 14.38 -16.63 3.96
O2A UDP I . 15.71 -14.55 3.36
O3A UDP I . 16.13 -16.87 2.05
PB UDP I . 14.97 -16.40 0.96
O1B UDP I . 13.58 -16.86 1.46
O2B UDP I . 15.26 -16.95 -0.37
O3B UDP I . 14.98 -14.82 0.86
O5' D5M J . 12.06 -21.22 -0.41
C5' D5M J . 12.81 -22.34 -0.71
C4' D5M J . 12.13 -23.51 -0.11
O4' D5M J . 10.81 -23.66 -0.70
C3' D5M J . 12.91 -24.77 -0.41
O3' D5M J . 12.80 -25.65 0.71
C2' D5M J . 12.26 -25.35 -1.67
C1' D5M J . 10.92 -24.61 -1.74
N9 D5M J . 10.71 -24.00 -3.05
C8 D5M J . 10.61 -22.66 -3.35
N7 D5M J . 10.40 -22.51 -4.63
C5 D5M J . 10.35 -23.72 -5.22
C6 D5M J . 10.15 -24.18 -6.52
N6 D5M J . 9.93 -23.29 -7.54
N1 D5M J . 10.18 -25.51 -6.74
C2 D5M J . 10.38 -26.39 -5.75
N3 D5M J . 10.56 -26.00 -4.52
C4 D5M J . 10.56 -24.69 -4.21
P D5M J . 12.85 -20.04 -1.09
O1P D5M J . 12.88 -20.28 -2.55
O3P D5M J . 14.37 -19.97 -0.52
O2P D5M J . 12.05 -18.66 -0.78
MG MG K . -2.20 4.76 4.36
N1 UDP L . -6.04 -5.54 4.04
C2 UDP L . -6.40 -6.85 4.12
N3 UDP L . -7.69 -7.23 3.92
C4 UDP L . -8.66 -6.29 3.63
C5 UDP L . -8.30 -4.90 3.54
C6 UDP L . -6.99 -4.55 3.75
O2 UDP L . -5.54 -7.71 4.39
O4 UDP L . -9.82 -6.63 3.44
C1' UDP L . -4.65 -5.15 4.27
C2' UDP L . -3.86 -5.16 2.94
O2' UDP L . -3.08 -6.36 2.82
C3' UDP L . -2.98 -3.96 3.01
C4' UDP L . -3.31 -3.31 4.37
O4' UDP L . -4.59 -3.82 4.74
O3' UDP L . -1.58 -4.35 2.95
C5' UDP L . -3.38 -1.83 4.23
O5' UDP L . -3.77 -1.29 5.42
PA UDP L . -4.00 0.27 5.16
O1A UDP L . -2.72 0.89 4.71
O2A UDP L . -5.12 0.47 4.02
O3A UDP L . -4.49 0.99 6.56
PB UDP L . -4.72 2.59 6.24
O1B UDP L . -3.40 3.19 5.71
O2B UDP L . -5.20 3.31 7.42
O3B UDP L . -5.82 2.72 5.10
O5' D5M M . -0.77 5.42 9.68
C5' D5M M . -0.67 5.01 11.02
C4' D5M M . 0.78 5.02 11.34
O4' D5M M . 1.30 6.37 11.20
C3' D5M M . 1.05 4.61 12.78
O3' D5M M . 2.34 4.00 12.86
C2' D5M M . 1.01 5.90 13.57
C1' D5M M . 1.23 6.97 12.50
N9 D5M M . 0.25 8.04 12.57
C8 D5M M . -0.70 8.36 11.66
N7 D5M M . -1.36 9.40 12.08
C5 D5M M . -0.87 9.79 13.27
C6 D5M M . -1.15 10.83 14.17
N6 D5M M . -2.14 11.74 13.90
N1 D5M M . -0.43 10.91 15.30
C2 D5M M . 0.56 10.04 15.58
N3 D5M M . 0.85 9.06 14.75
C4 D5M M . 0.17 8.91 13.60
P D5M M . -2.35 5.43 9.33
O1P D5M M . -3.03 6.42 10.22
O3P D5M M . -3.03 3.98 9.57
O2P D5M M . -2.49 5.90 7.78
MG MG N . 12.28 43.10 25.79
N1 UDP O . 20.02 49.57 30.15
C2 UDP O . 20.77 50.42 30.91
N3 UDP O . 21.24 51.57 30.39
C4 UDP O . 20.98 51.92 29.07
C5 UDP O . 20.21 51.02 28.27
C6 UDP O . 19.74 49.87 28.81
O2 UDP O . 21.01 50.14 32.07
O4 UDP O . 21.40 52.95 28.61
C1' UDP O . 19.51 48.31 30.74
C2' UDP O . 18.37 48.61 31.73
O2' UDP O . 18.84 48.57 33.08
C3' UDP O . 17.35 47.53 31.49
C4' UDP O . 17.97 46.68 30.39
O4' UDP O . 18.93 47.52 29.74
O3' UDP O . 17.16 46.76 32.68
C5' UDP O . 16.94 46.26 29.42
O5' UDP O . 17.53 45.55 28.44
PA UDP O . 16.41 45.23 27.37
O1A UDP O . 15.32 44.43 28.01
O2A UDP O . 15.81 46.60 26.77
O3A UDP O . 17.09 44.34 26.14
PB UDP O . 15.91 43.97 25.07
O1B UDP O . 14.76 43.21 25.82
O2B UDP O . 16.43 43.17 23.94
O3B UDP O . 15.31 45.34 24.49
O5' D5M P . 14.96 38.21 25.24
C5' D5M P . 16.10 37.39 25.17
C4' D5M P . 15.83 36.22 26.07
O4' D5M P . 14.69 35.47 25.58
C3' D5M P . 17.01 35.25 26.09
O3' D5M P . 17.11 34.62 27.40
C2' D5M P . 16.69 34.23 24.98
C1' D5M P . 15.19 34.42 24.75
N9 D5M P . 14.86 34.66 23.35
C8 D5M P . 14.29 35.78 22.79
N7 D5M P . 14.14 35.62 21.51
C5 D5M P . 14.59 34.38 21.17
C6 D5M P . 14.67 33.65 19.97
N6 D5M P . 14.23 34.18 18.79
N1 D5M P . 15.20 32.41 20.00
C2 D5M P . 15.63 31.85 21.14
N3 D5M P . 15.57 32.51 22.29
C4 D5M P . 15.07 33.76 22.35
P D5M P . 15.23 39.42 24.24
O1P D5M P . 15.32 38.87 22.86
O3P D5M P . 16.61 40.21 24.62
O2P D5M P . 13.96 40.41 24.31
#